data_8IHH
#
_entry.id   8IHH
#
_cell.length_a   1.00
_cell.length_b   1.00
_cell.length_c   1.00
_cell.angle_alpha   90.00
_cell.angle_beta   90.00
_cell.angle_gamma   90.00
#
_symmetry.space_group_name_H-M   'P 1'
#
loop_
_entity.id
_entity.type
_entity.pdbx_description
1 polymer 'Soluble cytochrome b562,Hydroxycarboxylic acid receptor 2'
2 polymer 'Guanine nucleotide-binding protein G(i) subunit alpha-1'
3 polymer 'Guanine nucleotide-binding protein G(I)/G(S)/G(T) subunit beta-1'
4 polymer 'Guanine nucleotide-binding protein G(I)/G(S)/G(O) subunit gamma-2'
5 polymer scFv16
6 non-polymer 2-acetamido-2-deoxy-beta-D-glucopyranose
7 non-polymer '5-butyl-1~{H}-pyrazole-3-carboxylic acid'
#
loop_
_entity_poly.entity_id
_entity_poly.type
_entity_poly.pdbx_seq_one_letter_code
_entity_poly.pdbx_strand_id
1 'polypeptide(L)'
;MKTIIALSYIFCLVFADYKDDDDKADLEDNWETLNDNLKVIEKADNAAQVKDALTKMRAAALDAQKATPPKLEDKSPDSP
EMKDFRHGFDILVGQIDDALKLANEGKVKEAQAAAEQLKTTRNAYIQKYLNRHHLQDHFLEIDKKNCCVFRDDFIVKVLP
PVLGLEFIFGLLGNGLALWIFCFHLKSWKSSRIFLFNLAVADFLLIICLPFLMDNYVRRWDWKFGDIPCRLMLFMLAMNR
QGSIIFLTVVAVDRYFRVVHPHHALNKISNRTAAIISCLLWGITIGLTVHLLKKKMPIQNGGANLCSSFSICHTFQWHEA
MFLLEFFLPLGIILFCSARIIWSLRQRQMDRHAKIKRAITFIMVVAIVFVICFLPSVVVRIRIFWLLHTSGTQNCEVYRS
VDLAFFITLSFTYMNSMLDPVVYYFSSPSFPNFFSTLINRCLQRKMTGEPDNNRSTSVELTGDPNKTRGAPEALMANSGE
PWSPSYLGPTSPENLYFQGSVFTLEDFVGDWEQTAAYNLDQVLEQGGVSSLLQNLAVSVTPIQRIVRSGENALKIDIHVI
IPYEGLSADQMAQIEEVFKVVYPVDDHHFKVILPYGTLVIDGVTPNMLNYFGRPYEGIAVFDGKKITVTGTLWNGNKIID
ERLITPDGSMLFRVTINS
;
R
2 'polypeptide(L)'
;MGCTLSAEDKAAVERSKMIDRNLREDGEKAAREVKLLLLGAGESGKSTIVKQMKIIHEAGYSEEECKQYKAVVYSNTIQS
IIAIIRAMGRLKIDFGDSARADDARQLFVLAGAAEEGFMTAELAGVIKRLWKDSGVQACFNRSREYQLNDSAAYYLNDLD
RIAQPNYIPTQQDVLRTRVKTTGIVETHFTFKDLHFKMFDVGAQRSERKKWIHCFEGVAAIIFCVALSDYDLVLAEDEEM
NRMHESMKLFDSICNNKWFTDTSIILFLNKKDLFEEKIKKSPLTICYQEYAGSNTYEEAAAYIQCQFEDLNKRKDTKEIY
THFTCSTDTKNVQFVFDAVTDVIIKNNLKDCGLF
;
A
3 'polypeptide(L)'
;MHHHHHHHHENLYFQGSSELDQLRQEAEQLKNQIRDARKACADATLSQITNNIDPVGRIQMRTRRTLRGHLAKIYAMHWG
TDSRLLVSASQDGKLIIWDSYTTNKVHAIPLRSSWVMTCAYAPSGNYVACGGLDNICSIYNLKTREGNVRVSRELAGHTG
YLSCCRFLDDNQIVTSSGDTTCALWDIETGQQTTTFTGHTGDVMSLSLAPDTRLFVSGACDASAKLWDVREGMCRQTFTG
HESDINAICFFPNGNAFATGSDDATCRLFDLRADQELMTYSHDNIICGITSVSFSKSGRLLLAGYDDFNCNVWDALKADR
AGVLAGHDNRVSCLGVTDDGMAVATGSWDSFLKIWNGGSGGGGSGGSSSGGVSGWRLFKKIS
;
B
4 'polypeptide(L)' ASNNTASIAQARKLVEQLKMEANIDRIKVSKAAADLMAYCEAHAKEDPLLTPVPASENPFREKKFFCAIL C
5 'polypeptide(L)'
;DVQLVESGGGLVQPGGSRKLSCSASGFAFSSFGMHWVRQAPEKGLEWVAYISSGSGTIYYADTVKGRFTISRDDPKNTLF
LQMTSLRSEDTAMYYCVRSIYYYGSSPFDFWGQGTTLTVSSGGGGSGGGGSGGGGSDIVMTQATSSVPVTPGESVSISCR
SSKSLLHSNGNTYLYWFLQRPGQSPQLLIYRMSNLASGVPDRFSGSGSGTAFTLTISRLEAEDVGVYYCMQHLEYPLTFG
AGTKLELK
;
S
#
# COMPACT_ATOMS: atom_id res chain seq x y z
N HIS A 138 15.48 -53.88 -39.97
CA HIS A 138 14.76 -54.65 -40.99
C HIS A 138 13.25 -54.48 -40.83
N PHE A 139 12.57 -55.58 -40.55
CA PHE A 139 11.12 -55.59 -40.38
C PHE A 139 10.77 -56.08 -38.98
N LEU A 140 9.65 -55.57 -38.46
CA LEU A 140 9.16 -55.97 -37.15
C LEU A 140 7.66 -55.77 -37.10
N GLU A 141 7.00 -56.45 -36.16
CA GLU A 141 5.57 -56.33 -35.94
C GLU A 141 5.33 -55.78 -34.54
N ILE A 142 4.82 -54.56 -34.46
CA ILE A 142 4.56 -53.89 -33.19
C ILE A 142 3.06 -53.66 -33.10
N ASP A 143 2.43 -54.29 -32.09
CA ASP A 143 1.00 -54.14 -31.84
C ASP A 143 0.18 -54.44 -33.10
N LYS A 144 0.54 -55.53 -33.77
CA LYS A 144 -0.10 -55.93 -35.03
C LYS A 144 -0.02 -54.84 -36.09
N LYS A 145 1.15 -54.20 -36.19
CA LYS A 145 1.42 -53.20 -37.21
C LYS A 145 2.80 -53.45 -37.80
N ASN A 146 2.90 -53.29 -39.12
CA ASN A 146 4.13 -53.61 -39.85
C ASN A 146 5.13 -52.47 -39.71
N CYS A 147 5.98 -52.51 -38.69
CA CYS A 147 6.90 -51.40 -38.44
C CYS A 147 8.33 -51.79 -38.76
N CYS A 148 9.00 -50.90 -39.49
CA CYS A 148 10.39 -51.09 -39.90
C CYS A 148 11.28 -50.35 -38.91
N VAL A 149 12.27 -51.05 -38.37
CA VAL A 149 13.14 -50.51 -37.32
C VAL A 149 14.58 -50.72 -37.75
N PHE A 150 15.39 -49.66 -37.63
CA PHE A 150 16.81 -49.71 -37.92
C PHE A 150 17.61 -49.45 -36.65
N ARG A 151 18.75 -50.13 -36.54
CA ARG A 151 19.72 -49.89 -35.46
C ARG A 151 21.05 -49.55 -36.14
N ASP A 152 21.23 -48.27 -36.47
CA ASP A 152 22.37 -47.84 -37.24
C ASP A 152 23.57 -47.56 -36.34
N ASP A 153 24.77 -47.77 -36.90
CA ASP A 153 25.99 -47.52 -36.16
C ASP A 153 26.28 -46.03 -35.99
N PHE A 154 25.84 -45.20 -36.93
CA PHE A 154 26.08 -43.76 -36.83
C PHE A 154 25.36 -43.12 -35.66
N ILE A 155 24.35 -43.79 -35.10
CA ILE A 155 23.62 -43.23 -33.97
C ILE A 155 24.53 -43.05 -32.76
N VAL A 156 25.37 -44.05 -32.48
CA VAL A 156 26.20 -44.01 -31.28
C VAL A 156 27.30 -42.96 -31.36
N LYS A 157 27.70 -42.55 -32.56
CA LYS A 157 28.85 -41.67 -32.73
C LYS A 157 28.47 -40.20 -32.90
N VAL A 158 27.18 -39.86 -32.89
CA VAL A 158 26.73 -38.49 -33.09
C VAL A 158 25.82 -38.02 -31.97
N LEU A 159 24.75 -38.76 -31.69
CA LEU A 159 23.77 -38.29 -30.70
C LEU A 159 24.34 -38.23 -29.28
N PRO A 160 25.02 -39.26 -28.77
CA PRO A 160 25.53 -39.17 -27.38
C PRO A 160 26.48 -38.00 -27.19
N PRO A 161 27.31 -37.65 -28.18
CA PRO A 161 28.01 -36.35 -28.07
C PRO A 161 27.06 -35.18 -27.93
N VAL A 162 26.10 -35.05 -28.84
CA VAL A 162 25.19 -33.90 -28.81
C VAL A 162 24.31 -33.95 -27.56
N LEU A 163 23.76 -35.12 -27.25
CA LEU A 163 22.86 -35.23 -26.11
C LEU A 163 23.56 -34.88 -24.80
N GLY A 164 24.85 -35.19 -24.68
CA GLY A 164 25.59 -34.82 -23.49
C GLY A 164 25.74 -33.31 -23.35
N LEU A 165 26.00 -32.62 -24.46
CA LEU A 165 26.18 -31.17 -24.41
C LEU A 165 24.89 -30.47 -23.97
N GLU A 166 23.75 -30.94 -24.45
CA GLU A 166 22.48 -30.32 -24.07
C GLU A 166 22.21 -30.47 -22.58
N PHE A 167 22.53 -31.63 -22.01
CA PHE A 167 22.21 -31.90 -20.61
C PHE A 167 23.08 -31.07 -19.66
N ILE A 168 24.38 -30.97 -19.96
CA ILE A 168 25.27 -30.26 -19.04
C ILE A 168 24.99 -28.76 -19.07
N PHE A 169 24.79 -28.19 -20.27
CA PHE A 169 24.48 -26.77 -20.37
C PHE A 169 23.03 -26.49 -20.00
N GLY A 170 22.12 -27.40 -20.37
CA GLY A 170 20.71 -27.21 -20.04
C GLY A 170 20.46 -27.24 -18.55
N LEU A 171 21.08 -28.18 -17.84
CA LEU A 171 20.95 -28.23 -16.39
C LEU A 171 21.55 -26.98 -15.75
N LEU A 172 22.70 -26.52 -16.27
CA LEU A 172 23.30 -25.30 -15.77
C LEU A 172 22.41 -24.09 -16.05
N GLY A 173 21.81 -24.03 -17.22
CA GLY A 173 20.96 -22.90 -17.58
C GLY A 173 19.59 -22.94 -16.92
N ASN A 174 18.85 -24.03 -17.12
CA ASN A 174 17.53 -24.15 -16.52
C ASN A 174 17.59 -24.15 -15.01
N GLY A 175 18.59 -24.85 -14.43
CA GLY A 175 18.72 -24.86 -12.99
C GLY A 175 19.00 -23.48 -12.41
N LEU A 176 19.92 -22.74 -13.06
CA LEU A 176 20.23 -21.38 -12.59
C LEU A 176 19.01 -20.47 -12.72
N ALA A 177 18.31 -20.54 -13.85
CA ALA A 177 17.12 -19.73 -14.03
C ALA A 177 16.04 -20.10 -13.02
N LEU A 178 15.99 -21.36 -12.60
CA LEU A 178 15.06 -21.77 -11.56
C LEU A 178 15.51 -21.25 -10.20
N TRP A 179 16.83 -21.25 -9.95
CA TRP A 179 17.35 -20.77 -8.68
C TRP A 179 17.08 -19.27 -8.50
N ILE A 180 17.26 -18.48 -9.56
CA ILE A 180 17.01 -17.05 -9.47
C ILE A 180 15.53 -16.76 -9.25
N PHE A 181 14.66 -17.51 -9.94
CA PHE A 181 13.23 -17.24 -9.85
C PHE A 181 12.69 -17.49 -8.45
N CYS A 182 13.17 -18.54 -7.79
CA CYS A 182 12.59 -18.97 -6.52
C CYS A 182 12.88 -17.98 -5.39
N PHE A 183 14.13 -17.55 -5.24
CA PHE A 183 14.53 -16.73 -4.10
C PHE A 183 15.10 -15.37 -4.47
N HIS A 184 15.58 -15.19 -5.70
CA HIS A 184 16.22 -13.94 -6.09
C HIS A 184 15.25 -12.97 -6.75
N LEU A 185 13.97 -13.32 -6.84
CA LEU A 185 12.94 -12.45 -7.40
C LEU A 185 11.94 -12.10 -6.31
N LYS A 186 11.59 -10.82 -6.22
CA LYS A 186 10.74 -10.32 -5.15
C LYS A 186 9.27 -10.22 -5.55
N SER A 187 8.97 -9.72 -6.73
CA SER A 187 7.60 -9.49 -7.17
C SER A 187 7.24 -10.45 -8.30
N TRP A 188 6.09 -11.10 -8.16
CA TRP A 188 5.58 -12.02 -9.16
C TRP A 188 4.33 -11.43 -9.80
N LYS A 189 4.30 -11.41 -11.13
CA LYS A 189 3.17 -10.92 -11.89
C LYS A 189 2.69 -11.99 -12.85
N SER A 190 1.68 -11.65 -13.65
CA SER A 190 1.11 -12.62 -14.58
C SER A 190 2.12 -13.06 -15.63
N SER A 191 2.97 -12.15 -16.07
CA SER A 191 3.93 -12.49 -17.13
C SER A 191 5.09 -13.32 -16.60
N ARG A 192 5.44 -13.16 -15.33
CA ARG A 192 6.59 -13.86 -14.78
C ARG A 192 6.29 -15.30 -14.37
N ILE A 193 5.05 -15.60 -13.95
CA ILE A 193 4.70 -16.97 -13.60
C ILE A 193 4.68 -17.85 -14.85
N PHE A 194 4.25 -17.30 -15.99
CA PHE A 194 4.29 -18.05 -17.23
C PHE A 194 5.71 -18.45 -17.60
N LEU A 195 6.68 -17.54 -17.40
CA LEU A 195 8.07 -17.89 -17.64
C LEU A 195 8.59 -18.89 -16.63
N PHE A 196 7.95 -19.01 -15.46
CA PHE A 196 8.32 -20.03 -14.49
C PHE A 196 7.84 -21.41 -14.93
N ASN A 197 6.63 -21.49 -15.50
CA ASN A 197 6.14 -22.77 -16.00
C ASN A 197 6.98 -23.27 -17.18
N LEU A 198 7.41 -22.36 -18.05
CA LEU A 198 8.29 -22.75 -19.14
C LEU A 198 9.62 -23.27 -18.62
N ALA A 199 10.13 -22.67 -17.55
CA ALA A 199 11.35 -23.18 -16.91
C ALA A 199 11.12 -24.57 -16.34
N VAL A 200 9.95 -24.79 -15.74
CA VAL A 200 9.64 -26.11 -15.18
C VAL A 200 9.58 -27.16 -16.28
N ALA A 201 8.90 -26.83 -17.39
CA ALA A 201 8.78 -27.77 -18.50
C ALA A 201 10.15 -28.10 -19.09
N ASP A 202 11.01 -27.08 -19.25
CA ASP A 202 12.33 -27.32 -19.80
C ASP A 202 13.20 -28.11 -18.83
N PHE A 203 13.04 -27.87 -17.52
CA PHE A 203 13.84 -28.57 -16.53
C PHE A 203 13.52 -30.07 -16.54
N LEU A 204 12.24 -30.42 -16.61
CA LEU A 204 11.86 -31.83 -16.59
C LEU A 204 12.31 -32.57 -17.84
N LEU A 205 12.35 -31.88 -18.99
CA LEU A 205 12.85 -32.50 -20.20
C LEU A 205 14.34 -32.78 -20.12
N ILE A 206 15.11 -31.88 -19.49
CA ILE A 206 16.56 -31.99 -19.51
C ILE A 206 17.03 -33.23 -18.75
N ILE A 207 16.43 -33.51 -17.59
CA ILE A 207 16.87 -34.62 -16.76
C ILE A 207 16.65 -35.98 -17.42
N CYS A 208 15.75 -36.06 -18.40
CA CYS A 208 15.55 -37.31 -19.15
C CYS A 208 16.61 -37.54 -20.22
N LEU A 209 17.36 -36.50 -20.59
CA LEU A 209 18.38 -36.67 -21.62
C LEU A 209 19.49 -37.63 -21.24
N PRO A 210 20.07 -37.61 -20.03
CA PRO A 210 21.10 -38.61 -19.71
C PRO A 210 20.60 -40.04 -19.79
N PHE A 211 19.34 -40.28 -19.42
CA PHE A 211 18.76 -41.61 -19.62
C PHE A 211 18.68 -41.96 -21.09
N LEU A 212 18.41 -40.98 -21.96
CA LEU A 212 18.48 -41.23 -23.39
C LEU A 212 19.89 -41.60 -23.81
N MET A 213 20.90 -40.85 -23.34
CA MET A 213 22.27 -41.07 -23.77
C MET A 213 22.71 -42.50 -23.52
N ASP A 214 22.26 -43.10 -22.42
CA ASP A 214 22.55 -44.51 -22.18
C ASP A 214 21.88 -45.39 -23.22
N ASN A 215 20.66 -45.05 -23.63
CA ASN A 215 19.93 -45.84 -24.61
C ASN A 215 20.58 -45.82 -25.99
N TYR A 216 21.02 -44.66 -26.47
CA TYR A 216 21.69 -44.61 -27.76
C TYR A 216 23.09 -45.21 -27.73
N VAL A 217 23.80 -45.09 -26.60
CA VAL A 217 25.16 -45.61 -26.52
C VAL A 217 25.17 -47.12 -26.71
N ARG A 218 24.23 -47.82 -26.08
CA ARG A 218 24.12 -49.26 -26.22
C ARG A 218 23.41 -49.68 -27.51
N ARG A 219 23.17 -48.72 -28.42
CA ARG A 219 22.55 -48.99 -29.72
C ARG A 219 21.19 -49.66 -29.56
N TRP A 220 20.27 -48.90 -28.95
CA TRP A 220 18.89 -49.33 -28.73
C TRP A 220 18.84 -50.59 -27.87
N ASP A 221 19.39 -50.47 -26.65
CA ASP A 221 19.40 -51.57 -25.69
C ASP A 221 18.91 -51.02 -24.36
N TRP A 222 17.61 -51.08 -24.13
CA TRP A 222 17.02 -50.60 -22.89
C TRP A 222 17.27 -51.62 -21.79
N LYS A 223 17.82 -51.17 -20.67
CA LYS A 223 18.18 -52.02 -19.54
C LYS A 223 17.62 -51.45 -18.25
N PHE A 224 16.48 -50.78 -18.34
CA PHE A 224 15.89 -50.11 -17.18
C PHE A 224 14.51 -50.61 -16.80
N GLY A 225 13.94 -51.55 -17.52
CA GLY A 225 12.67 -52.16 -17.17
C GLY A 225 11.58 -51.80 -18.15
N ASP A 226 10.34 -52.10 -17.75
CA ASP A 226 9.16 -51.87 -18.58
C ASP A 226 8.43 -50.60 -18.17
N ILE A 227 8.02 -50.52 -16.91
CA ILE A 227 7.33 -49.32 -16.42
C ILE A 227 8.21 -48.08 -16.51
N PRO A 228 9.48 -48.10 -16.12
CA PRO A 228 10.31 -46.89 -16.30
C PRO A 228 10.41 -46.43 -17.75
N CYS A 229 10.37 -47.35 -18.71
CA CYS A 229 10.40 -46.95 -20.11
C CYS A 229 9.18 -46.11 -20.47
N ARG A 230 8.00 -46.51 -19.99
CA ARG A 230 6.80 -45.73 -20.25
C ARG A 230 6.85 -44.37 -19.56
N LEU A 231 7.55 -44.28 -18.44
CA LEU A 231 7.63 -43.01 -17.71
C LEU A 231 8.32 -41.94 -18.53
N MET A 232 9.46 -42.28 -19.15
CA MET A 232 10.27 -41.29 -19.84
C MET A 232 9.66 -40.87 -21.16
N LEU A 233 9.10 -41.80 -21.94
CA LEU A 233 8.42 -41.42 -23.16
C LEU A 233 7.17 -40.61 -22.88
N PHE A 234 6.53 -40.83 -21.73
CA PHE A 234 5.52 -39.89 -21.27
C PHE A 234 6.18 -38.59 -20.82
N MET A 235 7.31 -38.68 -20.14
CA MET A 235 8.01 -37.50 -19.64
C MET A 235 8.59 -36.65 -20.76
N LEU A 236 9.01 -37.26 -21.86
CA LEU A 236 9.62 -36.53 -22.97
C LEU A 236 8.57 -35.86 -23.86
N ALA A 237 7.53 -36.59 -24.24
CA ALA A 237 6.53 -36.04 -25.16
C ALA A 237 5.69 -34.97 -24.47
N MET A 238 5.40 -35.14 -23.18
CA MET A 238 4.58 -34.15 -22.49
C MET A 238 5.36 -32.88 -22.20
N ASN A 239 6.62 -33.01 -21.79
CA ASN A 239 7.44 -31.83 -21.54
C ASN A 239 7.72 -31.06 -22.82
N ARG A 240 7.99 -31.77 -23.92
CA ARG A 240 8.23 -31.10 -25.19
C ARG A 240 6.99 -30.32 -25.63
N GLN A 241 5.81 -30.91 -25.47
CA GLN A 241 4.58 -30.16 -25.70
C GLN A 241 4.36 -29.11 -24.61
N GLY A 242 4.82 -29.38 -23.40
CA GLY A 242 4.65 -28.42 -22.32
C GLY A 242 5.44 -27.15 -22.55
N SER A 243 6.69 -27.28 -22.99
CA SER A 243 7.50 -26.09 -23.28
C SER A 243 6.92 -25.33 -24.48
N ILE A 244 6.41 -26.06 -25.48
CA ILE A 244 5.79 -25.42 -26.63
C ILE A 244 4.56 -24.63 -26.20
N ILE A 245 3.77 -25.20 -25.28
CA ILE A 245 2.57 -24.51 -24.82
C ILE A 245 2.94 -23.24 -24.05
N PHE A 246 3.89 -23.33 -23.14
CA PHE A 246 4.28 -22.13 -22.39
C PHE A 246 5.40 -21.36 -23.08
N LEU A 247 5.29 -21.19 -24.40
CA LEU A 247 5.92 -20.10 -25.11
C LEU A 247 5.00 -19.52 -26.18
N THR A 248 3.93 -20.23 -26.56
CA THR A 248 2.85 -19.62 -27.31
C THR A 248 2.03 -18.71 -26.40
N VAL A 249 1.81 -19.13 -25.16
CA VAL A 249 1.16 -18.26 -24.17
C VAL A 249 2.02 -17.04 -23.89
N VAL A 250 3.33 -17.23 -23.76
CA VAL A 250 4.24 -16.10 -23.58
C VAL A 250 4.20 -15.19 -24.80
N ALA A 251 4.16 -15.79 -26.00
CA ALA A 251 4.03 -14.99 -27.21
C ALA A 251 2.70 -14.26 -27.26
N VAL A 252 1.61 -14.93 -26.86
CA VAL A 252 0.31 -14.27 -26.81
C VAL A 252 0.27 -13.21 -25.72
N ASP A 253 0.91 -13.49 -24.59
CA ASP A 253 0.96 -12.51 -23.49
C ASP A 253 1.62 -11.22 -23.93
N ARG A 254 2.74 -11.31 -24.66
CA ARG A 254 3.40 -10.12 -25.16
C ARG A 254 2.56 -9.41 -26.22
N TYR A 255 1.80 -10.17 -27.01
CA TYR A 255 0.98 -9.55 -28.04
C TYR A 255 -0.09 -8.65 -27.43
N PHE A 256 -0.71 -9.09 -26.33
CA PHE A 256 -1.76 -8.30 -25.69
C PHE A 256 -1.20 -7.13 -24.90
N ARG A 257 0.11 -7.06 -24.67
CA ARG A 257 0.71 -5.94 -23.98
C ARG A 257 1.28 -4.88 -24.91
N VAL A 258 1.26 -5.12 -26.22
CA VAL A 258 1.81 -4.19 -27.19
C VAL A 258 0.76 -3.72 -28.19
N VAL A 259 -0.07 -4.64 -28.70
CA VAL A 259 -1.06 -4.27 -29.70
C VAL A 259 -2.40 -3.93 -29.08
N HIS A 260 -2.70 -4.43 -27.88
CA HIS A 260 -3.93 -4.10 -27.17
C HIS A 260 -3.59 -3.74 -25.73
N PRO A 261 -2.89 -2.62 -25.53
CA PRO A 261 -2.40 -2.30 -24.18
C PRO A 261 -3.49 -1.96 -23.19
N HIS A 262 -4.68 -1.57 -23.64
CA HIS A 262 -5.79 -1.22 -22.75
C HIS A 262 -6.78 -2.35 -22.62
N HIS A 263 -6.32 -3.59 -22.68
CA HIS A 263 -7.16 -4.76 -22.49
C HIS A 263 -7.16 -5.18 -21.03
N ALA A 264 -8.28 -5.77 -20.60
CA ALA A 264 -8.37 -6.28 -19.24
C ALA A 264 -7.49 -7.50 -19.02
N LEU A 265 -7.05 -8.16 -20.10
CA LEU A 265 -6.22 -9.35 -19.99
C LEU A 265 -4.83 -9.05 -19.44
N ASN A 266 -4.38 -7.79 -19.52
CA ASN A 266 -3.04 -7.44 -19.07
C ASN A 266 -2.96 -7.24 -17.56
N LYS A 267 -4.08 -7.22 -16.85
CA LYS A 267 -4.11 -6.95 -15.42
C LYS A 267 -4.67 -8.13 -14.63
N ILE A 268 -4.56 -9.34 -15.18
CA ILE A 268 -5.06 -10.51 -14.47
C ILE A 268 -4.19 -10.78 -13.25
N SER A 269 -4.82 -11.27 -12.18
CA SER A 269 -4.15 -11.47 -10.90
C SER A 269 -3.27 -12.72 -10.96
N ASN A 270 -2.39 -12.84 -9.95
CA ASN A 270 -1.50 -13.98 -9.86
C ASN A 270 -2.23 -15.30 -9.65
N ARG A 271 -3.47 -15.26 -9.17
CA ARG A 271 -4.26 -16.48 -9.05
C ARG A 271 -4.89 -16.89 -10.37
N THR A 272 -5.31 -15.91 -11.18
CA THR A 272 -5.85 -16.23 -12.50
C THR A 272 -4.80 -16.88 -13.39
N ALA A 273 -3.57 -16.39 -13.35
CA ALA A 273 -2.48 -17.02 -14.11
C ALA A 273 -2.21 -18.43 -13.60
N ALA A 274 -2.19 -18.61 -12.27
CA ALA A 274 -2.00 -19.94 -11.72
C ALA A 274 -3.15 -20.87 -12.05
N ILE A 275 -4.37 -20.31 -12.19
CA ILE A 275 -5.49 -21.12 -12.64
C ILE A 275 -5.32 -21.50 -14.11
N ILE A 276 -4.85 -20.56 -14.93
CA ILE A 276 -4.62 -20.84 -16.35
C ILE A 276 -3.50 -21.86 -16.51
N SER A 277 -2.42 -21.72 -15.73
CA SER A 277 -1.29 -22.64 -15.85
C SER A 277 -1.69 -24.07 -15.52
N CYS A 278 -2.51 -24.26 -14.49
CA CYS A 278 -2.96 -25.60 -14.14
C CYS A 278 -3.80 -26.20 -15.26
N LEU A 279 -4.67 -25.39 -15.87
CA LEU A 279 -5.48 -25.89 -16.99
C LEU A 279 -4.59 -26.25 -18.18
N LEU A 280 -3.60 -25.42 -18.48
CA LEU A 280 -2.68 -25.72 -19.58
C LEU A 280 -1.86 -26.98 -19.29
N TRP A 281 -1.43 -27.14 -18.04
CA TRP A 281 -0.77 -28.38 -17.65
C TRP A 281 -1.71 -29.58 -17.78
N GLY A 282 -2.99 -29.38 -17.48
CA GLY A 282 -3.96 -30.46 -17.62
C GLY A 282 -4.11 -30.94 -19.05
N ILE A 283 -4.23 -30.00 -19.99
CA ILE A 283 -4.34 -30.41 -21.39
C ILE A 283 -3.00 -30.96 -21.88
N THR A 284 -1.91 -30.62 -21.21
CA THR A 284 -0.62 -31.21 -21.56
C THR A 284 -0.56 -32.68 -21.14
N ILE A 285 -0.96 -32.97 -19.90
CA ILE A 285 -0.99 -34.35 -19.43
C ILE A 285 -2.13 -35.11 -20.11
N GLY A 286 -3.31 -34.51 -20.20
CA GLY A 286 -4.48 -35.20 -20.74
C GLY A 286 -4.41 -35.47 -22.22
N LEU A 287 -3.38 -34.97 -22.91
CA LEU A 287 -3.17 -35.23 -24.33
C LEU A 287 -2.10 -36.29 -24.56
N THR A 288 -1.28 -36.59 -23.54
CA THR A 288 -0.17 -37.53 -23.72
C THR A 288 -0.23 -38.68 -22.72
N VAL A 289 -1.36 -38.90 -22.04
CA VAL A 289 -1.47 -40.01 -21.09
C VAL A 289 -1.38 -41.36 -21.78
N HIS A 290 -1.76 -41.45 -23.06
CA HIS A 290 -1.86 -42.74 -23.72
C HIS A 290 -0.51 -43.43 -23.86
N LEU A 291 0.59 -42.71 -23.71
CA LEU A 291 1.90 -43.35 -23.78
C LEU A 291 2.19 -44.19 -22.54
N LEU A 292 1.50 -43.93 -21.43
CA LEU A 292 1.66 -44.78 -20.24
C LEU A 292 0.93 -46.11 -20.40
N LYS A 293 -0.20 -46.12 -21.09
CA LYS A 293 -0.99 -47.34 -21.26
C LYS A 293 -0.36 -48.33 -22.25
N LYS A 294 0.65 -47.91 -23.01
CA LYS A 294 1.26 -48.77 -24.01
C LYS A 294 2.43 -49.54 -23.40
N LYS A 295 2.40 -50.86 -23.55
CA LYS A 295 3.51 -51.70 -23.09
C LYS A 295 4.62 -51.67 -24.13
N MET A 296 5.74 -51.06 -23.77
CA MET A 296 6.78 -50.82 -24.77
C MET A 296 8.19 -51.32 -24.40
N PRO A 297 8.37 -52.52 -23.82
CA PRO A 297 9.68 -53.16 -23.88
C PRO A 297 9.80 -54.09 -25.07
N ILE A 298 9.52 -53.58 -26.28
CA ILE A 298 9.38 -54.42 -27.45
C ILE A 298 10.69 -55.12 -27.76
N GLN A 299 10.63 -56.43 -27.98
CA GLN A 299 11.83 -57.20 -28.28
C GLN A 299 12.24 -57.02 -29.74
N ASN A 300 13.51 -56.75 -29.96
CA ASN A 300 14.10 -56.66 -31.30
C ASN A 300 15.28 -57.63 -31.32
N GLY A 301 14.99 -58.90 -31.62
CA GLY A 301 16.00 -59.93 -31.56
C GLY A 301 16.54 -60.12 -30.16
N GLY A 302 17.81 -59.77 -29.96
CA GLY A 302 18.40 -59.79 -28.64
C GLY A 302 18.53 -58.40 -28.06
N ALA A 303 17.59 -57.53 -28.39
CA ALA A 303 17.65 -56.13 -27.96
C ALA A 303 16.28 -55.69 -27.48
N ASN A 304 16.28 -54.76 -26.52
CA ASN A 304 15.06 -54.15 -26.03
C ASN A 304 14.91 -52.77 -26.64
N LEU A 305 13.77 -52.53 -27.29
CA LEU A 305 13.53 -51.28 -28.00
C LEU A 305 12.57 -50.42 -27.20
N CYS A 306 12.96 -49.18 -26.92
CA CYS A 306 12.12 -48.19 -26.28
C CYS A 306 12.09 -46.97 -27.21
N SER A 307 10.96 -46.77 -27.90
CA SER A 307 10.83 -45.67 -28.84
C SER A 307 9.37 -45.45 -29.16
N SER A 308 8.90 -44.21 -29.00
CA SER A 308 7.56 -43.83 -29.40
C SER A 308 7.47 -43.41 -30.86
N PHE A 309 8.61 -43.27 -31.53
CA PHE A 309 8.66 -42.88 -32.95
C PHE A 309 9.24 -44.04 -33.74
N SER A 310 8.37 -44.84 -34.35
CA SER A 310 8.79 -45.94 -35.19
C SER A 310 8.05 -45.88 -36.51
N ILE A 311 8.78 -46.08 -37.60
CA ILE A 311 8.24 -45.92 -38.95
C ILE A 311 7.38 -47.12 -39.31
N CYS A 312 6.07 -46.92 -39.42
CA CYS A 312 5.18 -47.94 -39.97
C CYS A 312 3.89 -47.36 -40.54
N HIS A 313 3.23 -48.21 -41.33
CA HIS A 313 2.18 -47.81 -42.26
C HIS A 313 0.80 -47.87 -41.59
N THR A 314 0.63 -47.05 -40.56
CA THR A 314 -0.66 -46.94 -39.90
C THR A 314 -0.78 -45.55 -39.31
N PHE A 315 -2.03 -45.13 -39.07
CA PHE A 315 -2.28 -43.83 -38.46
C PHE A 315 -2.37 -43.98 -36.95
N GLN A 316 -1.55 -43.19 -36.25
CA GLN A 316 -1.52 -43.19 -34.80
C GLN A 316 -1.54 -41.74 -34.32
N TRP A 317 -2.11 -41.54 -33.12
CA TRP A 317 -2.35 -40.19 -32.65
C TRP A 317 -1.06 -39.48 -32.28
N HIS A 318 -0.02 -40.22 -31.88
CA HIS A 318 1.23 -39.60 -31.45
C HIS A 318 1.91 -38.85 -32.60
N GLU A 319 1.64 -39.25 -33.85
CA GLU A 319 2.23 -38.55 -34.99
C GLU A 319 1.46 -37.27 -35.30
N ALA A 320 0.13 -37.31 -35.19
CA ALA A 320 -0.67 -36.10 -35.40
C ALA A 320 -0.34 -35.04 -34.36
N MET A 321 -0.14 -35.46 -33.11
CA MET A 321 0.28 -34.52 -32.08
C MET A 321 1.64 -33.91 -32.38
N PHE A 322 2.57 -34.72 -32.90
CA PHE A 322 3.90 -34.22 -33.24
C PHE A 322 3.83 -33.16 -34.33
N LEU A 323 2.98 -33.35 -35.33
CA LEU A 323 2.79 -32.34 -36.36
C LEU A 323 2.08 -31.10 -35.81
N LEU A 324 1.06 -31.32 -34.99
CA LEU A 324 0.33 -30.19 -34.39
C LEU A 324 1.11 -29.51 -33.28
N GLU A 325 2.21 -30.11 -32.81
CA GLU A 325 3.06 -29.43 -31.85
C GLU A 325 3.77 -28.23 -32.46
N PHE A 326 3.89 -28.21 -33.79
CA PHE A 326 4.65 -27.18 -34.49
C PHE A 326 3.80 -26.30 -35.40
N PHE A 327 2.98 -26.92 -36.25
CA PHE A 327 2.27 -26.15 -37.27
C PHE A 327 1.30 -25.14 -36.66
N LEU A 328 0.58 -25.54 -35.61
CA LEU A 328 -0.38 -24.64 -34.98
C LEU A 328 0.32 -23.58 -34.13
N PRO A 329 1.23 -23.94 -33.21
CA PRO A 329 1.91 -22.90 -32.43
C PRO A 329 2.72 -21.93 -33.27
N LEU A 330 3.32 -22.39 -34.37
CA LEU A 330 4.13 -21.49 -35.19
C LEU A 330 3.28 -20.37 -35.78
N GLY A 331 2.07 -20.70 -36.24
CA GLY A 331 1.19 -19.68 -36.77
C GLY A 331 0.87 -18.60 -35.75
N ILE A 332 0.61 -19.01 -34.51
CA ILE A 332 0.33 -18.03 -33.46
C ILE A 332 1.59 -17.24 -33.12
N ILE A 333 2.73 -17.91 -33.00
CA ILE A 333 3.97 -17.23 -32.66
C ILE A 333 4.38 -16.27 -33.78
N LEU A 334 4.28 -16.71 -35.03
CA LEU A 334 4.63 -15.85 -36.15
C LEU A 334 3.70 -14.65 -36.24
N PHE A 335 2.39 -14.88 -36.06
CA PHE A 335 1.42 -13.79 -36.14
C PHE A 335 1.64 -12.78 -35.01
N CYS A 336 1.82 -13.28 -33.79
CA CYS A 336 2.05 -12.38 -32.66
C CYS A 336 3.36 -11.62 -32.81
N SER A 337 4.41 -12.30 -33.25
CA SER A 337 5.72 -11.65 -33.39
C SER A 337 5.76 -10.71 -34.59
N ALA A 338 4.81 -10.84 -35.51
CA ALA A 338 4.79 -9.95 -36.67
C ALA A 338 3.93 -8.72 -36.40
N ARG A 339 2.87 -8.87 -35.62
CA ARG A 339 2.03 -7.72 -35.26
C ARG A 339 2.69 -6.86 -34.20
N ILE A 340 3.45 -7.46 -33.28
CA ILE A 340 4.15 -6.68 -32.26
C ILE A 340 5.17 -5.76 -32.91
N ILE A 341 5.99 -6.29 -33.81
CA ILE A 341 6.99 -5.47 -34.49
C ILE A 341 6.32 -4.45 -35.39
N TRP A 342 5.21 -4.82 -36.04
CA TRP A 342 4.49 -3.88 -36.88
C TRP A 342 3.95 -2.71 -36.07
N SER A 343 3.41 -2.99 -34.87
CA SER A 343 2.85 -1.93 -34.05
C SER A 343 3.94 -1.05 -33.43
N LEU A 344 5.02 -1.66 -32.96
CA LEU A 344 6.11 -0.90 -32.35
C LEU A 344 6.82 0.02 -33.34
N ARG A 345 6.62 -0.17 -34.64
CA ARG A 345 7.15 0.73 -35.64
C ARG A 345 6.09 1.60 -36.31
N GLN A 346 4.81 1.18 -36.26
CA GLN A 346 3.74 2.05 -36.74
C GLN A 346 3.69 3.33 -35.92
N ARG A 347 3.67 3.22 -34.60
CA ARG A 347 3.97 4.34 -33.72
C ARG A 347 5.47 4.36 -33.49
N GLN A 348 6.10 5.49 -33.82
CA GLN A 348 7.55 5.50 -33.96
C GLN A 348 8.24 5.35 -32.61
N MET A 349 8.08 4.19 -31.98
CA MET A 349 8.72 3.90 -30.70
C MET A 349 10.03 3.15 -30.86
N ASP A 350 10.43 2.82 -32.09
CA ASP A 350 11.69 2.12 -32.31
C ASP A 350 12.92 3.02 -32.11
N ARG A 351 12.72 4.33 -31.95
CA ARG A 351 13.84 5.23 -31.72
C ARG A 351 14.54 4.89 -30.40
N HIS A 352 13.78 4.44 -29.41
CA HIS A 352 14.34 4.09 -28.12
C HIS A 352 15.30 2.90 -28.26
N ALA A 353 16.32 2.88 -27.41
CA ALA A 353 17.35 1.85 -27.43
C ALA A 353 16.89 0.55 -26.76
N LYS A 354 16.33 0.65 -25.55
CA LYS A 354 15.85 -0.54 -24.86
C LYS A 354 14.70 -1.19 -25.61
N ILE A 355 13.84 -0.36 -26.24
CA ILE A 355 12.80 -0.92 -27.10
C ILE A 355 13.41 -1.61 -28.30
N LYS A 356 14.44 -1.00 -28.90
CA LYS A 356 15.05 -1.58 -30.09
C LYS A 356 15.72 -2.92 -29.78
N ARG A 357 16.18 -3.11 -28.54
CA ARG A 357 16.74 -4.41 -28.16
C ARG A 357 15.64 -5.45 -28.04
N ALA A 358 14.47 -5.05 -27.52
CA ALA A 358 13.36 -5.99 -27.33
C ALA A 358 12.84 -6.51 -28.67
N ILE A 359 12.83 -5.64 -29.69
CA ILE A 359 12.30 -6.00 -31.00
C ILE A 359 13.12 -7.14 -31.59
N THR A 360 14.44 -7.06 -31.45
CA THR A 360 15.29 -8.14 -31.95
C THR A 360 15.00 -9.46 -31.23
N PHE A 361 14.75 -9.39 -29.92
CA PHE A 361 14.45 -10.59 -29.16
C PHE A 361 13.08 -11.16 -29.52
N ILE A 362 12.17 -10.34 -30.04
CA ILE A 362 10.93 -10.86 -30.61
C ILE A 362 11.22 -11.70 -31.84
N MET A 363 12.14 -11.22 -32.70
CA MET A 363 12.49 -12.00 -33.89
C MET A 363 13.36 -13.19 -33.54
N VAL A 364 14.10 -13.13 -32.43
CA VAL A 364 14.99 -14.23 -32.06
C VAL A 364 14.18 -15.47 -31.68
N VAL A 365 13.13 -15.29 -30.86
CA VAL A 365 12.35 -16.44 -30.42
C VAL A 365 11.62 -17.08 -31.59
N ALA A 366 11.25 -16.29 -32.60
CA ALA A 366 10.65 -16.88 -33.80
C ALA A 366 11.68 -17.58 -34.66
N ILE A 367 12.96 -17.20 -34.55
CA ILE A 367 14.00 -17.85 -35.32
C ILE A 367 14.46 -19.12 -34.63
N VAL A 368 14.62 -19.08 -33.31
CA VAL A 368 15.04 -20.26 -32.56
C VAL A 368 13.99 -21.36 -32.68
N PHE A 369 12.72 -20.99 -32.59
CA PHE A 369 11.64 -21.98 -32.67
C PHE A 369 11.63 -22.68 -34.02
N VAL A 370 11.80 -21.93 -35.10
CA VAL A 370 11.84 -22.55 -36.43
C VAL A 370 13.08 -23.42 -36.57
N ILE A 371 14.23 -22.93 -36.10
CA ILE A 371 15.48 -23.68 -36.23
C ILE A 371 15.39 -24.99 -35.45
N CYS A 372 14.78 -24.96 -34.26
CA CYS A 372 14.79 -26.12 -33.38
C CYS A 372 13.80 -27.20 -33.82
N PHE A 373 12.66 -26.82 -34.40
CA PHE A 373 11.56 -27.77 -34.59
C PHE A 373 11.27 -28.10 -36.05
N LEU A 374 11.59 -27.20 -36.99
CA LEU A 374 11.35 -27.51 -38.41
C LEU A 374 12.10 -28.75 -38.89
N PRO A 375 13.41 -28.92 -38.60
CA PRO A 375 14.11 -30.08 -39.19
C PRO A 375 13.48 -31.42 -38.85
N SER A 376 13.00 -31.60 -37.62
CA SER A 376 12.39 -32.87 -37.26
C SER A 376 11.03 -33.06 -37.93
N VAL A 377 10.28 -31.98 -38.11
CA VAL A 377 8.95 -32.08 -38.71
C VAL A 377 9.04 -32.43 -40.19
N VAL A 378 10.00 -31.82 -40.90
CA VAL A 378 10.11 -32.04 -42.35
C VAL A 378 10.45 -33.50 -42.64
N VAL A 379 11.38 -34.09 -41.89
CA VAL A 379 11.73 -35.49 -42.10
C VAL A 379 10.53 -36.39 -41.85
N ARG A 380 9.73 -36.08 -40.82
CA ARG A 380 8.53 -36.85 -40.57
C ARG A 380 7.54 -36.75 -41.72
N ILE A 381 7.54 -35.62 -42.43
CA ILE A 381 6.71 -35.49 -43.63
C ILE A 381 7.26 -36.36 -44.74
N ARG A 382 8.59 -36.40 -44.89
CA ARG A 382 9.21 -37.26 -45.89
C ARG A 382 8.92 -38.73 -45.58
N ILE A 383 9.00 -39.12 -44.31
CA ILE A 383 8.63 -40.47 -43.91
C ILE A 383 7.16 -40.74 -44.23
N PHE A 384 6.31 -39.77 -43.97
CA PHE A 384 4.90 -39.94 -44.26
C PHE A 384 4.66 -40.01 -45.73
N TRP A 385 5.50 -39.38 -46.51
CA TRP A 385 5.36 -39.45 -47.97
C TRP A 385 5.79 -40.82 -48.49
N LEU A 386 6.88 -41.37 -47.95
CA LEU A 386 7.36 -42.67 -48.41
C LEU A 386 6.35 -43.78 -48.11
N LEU A 387 5.71 -43.71 -46.93
CA LEU A 387 4.75 -44.75 -46.56
C LEU A 387 3.56 -44.78 -47.50
N HIS A 388 3.19 -43.62 -48.06
CA HIS A 388 2.02 -43.56 -48.94
C HIS A 388 2.38 -43.89 -50.38
N THR A 389 3.65 -43.79 -50.76
CA THR A 389 4.06 -44.05 -52.13
C THR A 389 4.81 -45.37 -52.30
N SER A 390 5.39 -45.91 -51.23
CA SER A 390 6.15 -47.15 -51.30
C SER A 390 5.66 -48.22 -50.34
N GLY A 391 5.25 -47.83 -49.14
CA GLY A 391 4.80 -48.79 -48.15
C GLY A 391 5.94 -49.45 -47.43
N THR A 392 5.57 -50.43 -46.59
CA THR A 392 6.52 -51.17 -45.78
C THR A 392 6.99 -52.47 -46.44
N GLN A 393 6.61 -52.71 -47.69
CA GLN A 393 7.02 -53.93 -48.38
C GLN A 393 8.53 -54.05 -48.51
N ASN A 394 9.24 -52.92 -48.46
CA ASN A 394 10.71 -52.91 -48.55
C ASN A 394 11.22 -51.96 -47.48
N CYS A 395 11.59 -52.51 -46.32
CA CYS A 395 12.06 -51.70 -45.20
C CYS A 395 13.56 -51.42 -45.34
N GLU A 396 13.92 -50.85 -46.49
CA GLU A 396 15.31 -50.53 -46.76
C GLU A 396 15.45 -49.09 -47.22
N VAL A 397 14.40 -48.57 -47.89
CA VAL A 397 14.41 -47.18 -48.31
C VAL A 397 14.42 -46.22 -47.12
N TYR A 398 13.94 -46.68 -45.96
CA TYR A 398 13.89 -45.86 -44.75
C TYR A 398 15.21 -45.83 -43.99
N ARG A 399 16.28 -46.38 -44.56
CA ARG A 399 17.56 -46.41 -43.85
C ARG A 399 18.12 -45.00 -43.65
N SER A 400 17.87 -44.10 -44.61
CA SER A 400 18.39 -42.75 -44.54
C SER A 400 17.52 -41.83 -43.69
N VAL A 401 16.21 -41.85 -43.90
CA VAL A 401 15.32 -40.96 -43.16
C VAL A 401 15.31 -41.32 -41.67
N ASP A 402 15.38 -42.61 -41.36
CA ASP A 402 15.38 -43.03 -39.96
C ASP A 402 16.61 -42.47 -39.24
N LEU A 403 17.78 -42.57 -39.87
CA LEU A 403 18.97 -41.97 -39.29
C LEU A 403 18.88 -40.45 -39.27
N ALA A 404 18.21 -39.87 -40.28
CA ALA A 404 18.07 -38.41 -40.33
C ALA A 404 17.10 -37.91 -39.28
N PHE A 405 15.97 -38.59 -39.11
CA PHE A 405 14.94 -38.09 -38.18
C PHE A 405 15.45 -38.04 -36.75
N PHE A 406 16.08 -39.13 -36.28
CA PHE A 406 16.56 -39.16 -34.91
C PHE A 406 17.71 -38.20 -34.68
N ILE A 407 18.50 -37.91 -35.72
CA ILE A 407 19.53 -36.88 -35.59
C ILE A 407 18.89 -35.51 -35.49
N THR A 408 17.88 -35.24 -36.32
CA THR A 408 17.20 -33.95 -36.28
C THR A 408 16.32 -33.81 -35.05
N LEU A 409 15.75 -34.91 -34.56
CA LEU A 409 14.90 -34.84 -33.37
C LEU A 409 15.69 -34.37 -32.16
N SER A 410 16.99 -34.65 -32.13
CA SER A 410 17.82 -34.15 -31.04
C SER A 410 17.88 -32.62 -30.99
N PHE A 411 17.62 -31.96 -32.12
CA PHE A 411 17.61 -30.50 -32.14
C PHE A 411 16.41 -29.91 -31.39
N THR A 412 15.34 -30.67 -31.23
CA THR A 412 14.19 -30.18 -30.46
C THR A 412 14.50 -30.05 -28.97
N TYR A 413 15.61 -30.62 -28.50
CA TYR A 413 16.06 -30.41 -27.14
C TYR A 413 16.95 -29.18 -26.99
N MET A 414 17.43 -28.62 -28.10
CA MET A 414 18.13 -27.35 -28.05
C MET A 414 17.24 -26.24 -27.52
N ASN A 415 15.96 -26.26 -27.91
CA ASN A 415 15.02 -25.24 -27.44
C ASN A 415 14.87 -25.27 -25.93
N SER A 416 14.98 -26.45 -25.32
CA SER A 416 14.95 -26.55 -23.86
C SER A 416 16.21 -26.02 -23.20
N MET A 417 17.29 -25.84 -23.96
CA MET A 417 18.53 -25.29 -23.43
C MET A 417 18.75 -23.84 -23.84
N LEU A 418 18.30 -23.44 -25.04
CA LEU A 418 18.48 -22.07 -25.51
C LEU A 418 17.55 -21.08 -24.82
N ASP A 419 16.47 -21.56 -24.20
CA ASP A 419 15.51 -20.64 -23.59
C ASP A 419 16.09 -19.77 -22.48
N PRO A 420 16.86 -20.30 -21.52
CA PRO A 420 17.41 -19.41 -20.48
C PRO A 420 18.29 -18.30 -21.03
N VAL A 421 19.05 -18.55 -22.09
CA VAL A 421 19.90 -17.50 -22.64
C VAL A 421 19.10 -16.58 -23.56
N VAL A 422 17.82 -16.87 -23.79
CA VAL A 422 16.99 -16.06 -24.67
C VAL A 422 15.84 -15.42 -23.92
N TYR A 423 15.21 -16.15 -23.00
CA TYR A 423 14.01 -15.66 -22.33
C TYR A 423 14.31 -15.00 -20.99
N TYR A 424 15.05 -15.67 -20.11
CA TYR A 424 15.22 -15.21 -18.74
C TYR A 424 16.46 -14.34 -18.57
N PHE A 425 17.64 -14.88 -18.88
CA PHE A 425 18.88 -14.15 -18.66
C PHE A 425 19.05 -12.98 -19.61
N SER A 426 18.21 -12.87 -20.65
CA SER A 426 18.30 -11.79 -21.63
C SER A 426 17.24 -10.72 -21.39
N SER A 427 16.95 -10.42 -20.13
CA SER A 427 16.00 -9.38 -19.78
C SER A 427 16.65 -8.37 -18.84
N PRO A 428 16.29 -7.09 -18.95
CA PRO A 428 16.90 -6.09 -18.08
C PRO A 428 16.70 -6.35 -16.60
N SER A 429 15.56 -6.91 -16.20
CA SER A 429 15.30 -7.19 -14.80
C SER A 429 16.11 -8.40 -14.32
N SER B 6 -14.12 -13.77 23.45
CA SER B 6 -13.63 -13.98 22.10
C SER B 6 -14.76 -13.80 21.09
N ALA B 7 -16.00 -13.82 21.57
CA ALA B 7 -17.13 -13.58 20.68
C ALA B 7 -17.09 -12.17 20.11
N GLU B 8 -16.76 -11.19 20.95
CA GLU B 8 -16.57 -9.83 20.45
C GLU B 8 -15.21 -9.67 19.76
N ASP B 9 -14.24 -10.52 20.11
CA ASP B 9 -12.94 -10.45 19.45
C ASP B 9 -12.99 -11.07 18.06
N LYS B 10 -13.78 -12.12 17.88
CA LYS B 10 -13.91 -12.73 16.56
C LYS B 10 -14.81 -11.90 15.65
N ALA B 11 -15.75 -11.15 16.23
CA ALA B 11 -16.60 -10.28 15.43
C ALA B 11 -15.85 -9.04 14.94
N ALA B 12 -14.84 -8.59 15.68
CA ALA B 12 -14.00 -7.49 15.20
C ALA B 12 -13.05 -7.93 14.11
N VAL B 13 -12.71 -9.22 14.06
CA VAL B 13 -11.80 -9.72 13.02
C VAL B 13 -12.46 -9.64 11.65
N GLU B 14 -13.73 -10.05 11.56
CA GLU B 14 -14.43 -9.99 10.28
C GLU B 14 -14.79 -8.57 9.89
N ARG B 15 -14.77 -7.63 10.83
CA ARG B 15 -14.84 -6.22 10.47
C ARG B 15 -13.58 -5.78 9.74
N SER B 16 -12.42 -6.24 10.21
CA SER B 16 -11.17 -5.95 9.52
C SER B 16 -11.15 -6.61 8.14
N LYS B 17 -11.67 -7.83 8.03
CA LYS B 17 -11.73 -8.49 6.73
C LYS B 17 -12.71 -7.78 5.80
N MET B 18 -13.81 -7.23 6.35
CA MET B 18 -14.71 -6.44 5.53
C MET B 18 -14.06 -5.13 5.11
N ILE B 19 -13.25 -4.52 5.98
CA ILE B 19 -12.47 -3.35 5.59
C ILE B 19 -11.41 -3.72 4.56
N ASP B 20 -10.84 -4.93 4.69
CA ASP B 20 -9.80 -5.38 3.76
C ASP B 20 -10.31 -5.38 2.32
N ARG B 21 -11.50 -5.94 2.08
CA ARG B 21 -11.97 -6.12 0.72
C ARG B 21 -12.39 -4.80 0.08
N ASN B 22 -12.85 -3.84 0.88
CA ASN B 22 -13.17 -2.53 0.32
C ASN B 22 -11.90 -1.73 0.01
N LEU B 23 -10.81 -2.01 0.71
CA LEU B 23 -9.53 -1.40 0.35
C LEU B 23 -9.06 -1.87 -1.01
N ARG B 24 -9.20 -3.17 -1.29
CA ARG B 24 -8.75 -3.70 -2.58
C ARG B 24 -9.67 -3.25 -3.71
N GLU B 25 -10.97 -3.16 -3.45
CA GLU B 25 -11.90 -2.71 -4.48
C GLU B 25 -11.60 -1.27 -4.90
N ASP B 26 -11.28 -0.40 -3.93
CA ASP B 26 -10.89 0.96 -4.27
C ASP B 26 -9.49 1.02 -4.85
N GLY B 27 -8.61 0.10 -4.44
CA GLY B 27 -7.28 0.05 -5.02
C GLY B 27 -7.30 -0.35 -6.48
N GLU B 28 -8.18 -1.28 -6.85
CA GLU B 28 -8.32 -1.66 -8.25
C GLU B 28 -8.86 -0.50 -9.08
N LYS B 29 -9.82 0.24 -8.53
CA LYS B 29 -10.41 1.36 -9.26
C LYS B 29 -9.39 2.47 -9.50
N ALA B 30 -8.54 2.73 -8.51
CA ALA B 30 -7.53 3.77 -8.66
C ALA B 30 -6.45 3.36 -9.65
N ALA B 31 -6.12 2.07 -9.70
CA ALA B 31 -5.06 1.60 -10.59
C ALA B 31 -5.45 1.68 -12.05
N ARG B 32 -6.74 1.84 -12.36
CA ARG B 32 -7.20 1.96 -13.72
C ARG B 32 -7.28 3.41 -14.20
N GLU B 33 -6.78 4.35 -13.40
CA GLU B 33 -6.85 5.77 -13.71
C GLU B 33 -5.47 6.28 -14.07
N VAL B 34 -5.42 7.14 -15.08
CA VAL B 34 -4.19 7.74 -15.56
C VAL B 34 -3.99 9.08 -14.87
N LYS B 35 -2.85 9.24 -14.21
CA LYS B 35 -2.54 10.47 -13.46
C LYS B 35 -1.59 11.33 -14.28
N LEU B 36 -1.98 12.59 -14.50
CA LEU B 36 -1.16 13.54 -15.22
C LEU B 36 -0.89 14.75 -14.35
N LEU B 37 0.30 15.33 -14.49
CA LEU B 37 0.68 16.53 -13.76
C LEU B 37 0.78 17.70 -14.73
N LEU B 38 0.02 18.76 -14.44
CA LEU B 38 -0.04 19.94 -15.30
C LEU B 38 0.76 21.07 -14.69
N LEU B 39 1.70 21.62 -15.47
CA LEU B 39 2.55 22.70 -15.03
C LEU B 39 2.52 23.83 -16.06
N GLY B 40 3.11 24.95 -15.68
CA GLY B 40 3.14 26.11 -16.56
C GLY B 40 3.66 27.31 -15.82
N ALA B 41 3.53 28.47 -16.46
CA ALA B 41 4.00 29.74 -15.91
C ALA B 41 2.85 30.63 -15.45
N GLY B 42 1.69 30.04 -15.17
CA GLY B 42 0.54 30.82 -14.74
C GLY B 42 -0.28 31.34 -15.89
N GLU B 43 0.24 32.34 -16.60
CA GLU B 43 -0.40 32.89 -17.79
C GLU B 43 0.04 32.19 -19.07
N SER B 44 0.46 30.93 -18.97
CA SER B 44 0.97 30.19 -20.12
C SER B 44 -0.13 29.47 -20.88
N GLY B 45 -1.39 29.63 -20.50
CA GLY B 45 -2.48 29.00 -21.21
C GLY B 45 -2.97 27.69 -20.63
N LYS B 46 -2.58 27.34 -19.41
CA LYS B 46 -3.10 26.13 -18.78
C LYS B 46 -4.62 26.19 -18.64
N SER B 47 -5.17 27.39 -18.45
CA SER B 47 -6.63 27.53 -18.39
C SER B 47 -7.27 27.17 -19.72
N THR B 48 -6.61 27.53 -20.83
CA THR B 48 -7.10 27.11 -22.14
C THR B 48 -7.04 25.59 -22.28
N ILE B 49 -5.93 24.98 -21.84
CA ILE B 49 -5.71 23.55 -22.06
C ILE B 49 -6.76 22.73 -21.32
N VAL B 50 -7.05 23.07 -20.07
CA VAL B 50 -7.98 22.27 -19.28
C VAL B 50 -9.37 22.28 -19.93
N LYS B 51 -9.76 23.41 -20.51
CA LYS B 51 -11.03 23.45 -21.25
C LYS B 51 -10.98 22.58 -22.50
N GLN B 52 -9.80 22.45 -23.12
CA GLN B 52 -9.68 21.64 -24.32
C GLN B 52 -9.95 20.17 -24.02
N MET B 53 -9.46 19.68 -22.88
CA MET B 53 -9.68 18.28 -22.53
C MET B 53 -11.10 18.00 -22.08
N LYS B 54 -11.85 19.02 -21.69
CA LYS B 54 -13.23 18.84 -21.25
C LYS B 54 -14.19 18.71 -22.43
N THR B 182 -8.25 27.32 -2.82
CA THR B 182 -6.82 27.22 -3.08
C THR B 182 -6.31 25.81 -2.85
N GLY B 183 -5.03 25.59 -3.13
CA GLY B 183 -4.42 24.28 -2.94
C GLY B 183 -4.08 23.60 -4.25
N ILE B 184 -4.71 22.45 -4.50
CA ILE B 184 -4.49 21.67 -5.70
C ILE B 184 -5.83 21.43 -6.37
N VAL B 185 -5.87 21.61 -7.69
CA VAL B 185 -7.09 21.43 -8.47
C VAL B 185 -6.99 20.14 -9.26
N GLU B 186 -8.01 19.29 -9.15
CA GLU B 186 -8.07 18.02 -9.85
C GLU B 186 -9.10 18.09 -10.96
N THR B 187 -8.70 17.69 -12.16
CA THR B 187 -9.58 17.69 -13.33
C THR B 187 -9.82 16.26 -13.78
N HIS B 188 -11.08 15.93 -14.04
CA HIS B 188 -11.48 14.59 -14.47
C HIS B 188 -12.00 14.66 -15.89
N PHE B 189 -11.42 13.85 -16.77
CA PHE B 189 -11.90 13.73 -18.14
C PHE B 189 -11.58 12.33 -18.65
N THR B 190 -12.32 11.90 -19.66
CA THR B 190 -12.18 10.57 -20.22
C THR B 190 -12.03 10.66 -21.73
N PHE B 191 -11.41 9.64 -22.32
CA PHE B 191 -11.20 9.59 -23.77
C PHE B 191 -10.92 8.15 -24.16
N LYS B 192 -11.80 7.59 -25.00
CA LYS B 192 -11.66 6.22 -25.50
C LYS B 192 -11.57 5.22 -24.35
N ASP B 193 -12.56 5.31 -23.45
CA ASP B 193 -12.71 4.37 -22.33
C ASP B 193 -11.50 4.39 -21.41
N LEU B 194 -10.80 5.52 -21.33
CA LEU B 194 -9.67 5.69 -20.42
C LEU B 194 -9.91 6.91 -19.55
N HIS B 195 -9.68 6.76 -18.25
CA HIS B 195 -9.96 7.80 -17.27
C HIS B 195 -8.67 8.49 -16.89
N PHE B 196 -8.68 9.83 -16.94
CA PHE B 196 -7.50 10.63 -16.66
C PHE B 196 -7.72 11.50 -15.43
N LYS B 197 -6.66 11.62 -14.62
CA LYS B 197 -6.60 12.55 -13.51
C LYS B 197 -5.52 13.58 -13.81
N MET B 198 -5.88 14.85 -13.78
CA MET B 198 -4.96 15.95 -14.10
C MET B 198 -4.89 16.91 -12.93
N PHE B 199 -3.73 17.00 -12.30
CA PHE B 199 -3.51 17.80 -11.10
C PHE B 199 -2.78 19.08 -11.47
N ASP B 200 -3.36 20.22 -11.11
CA ASP B 200 -2.74 21.52 -11.33
C ASP B 200 -2.25 22.06 -9.99
N VAL B 201 -0.94 22.32 -9.91
CA VAL B 201 -0.33 22.78 -8.68
C VAL B 201 0.26 24.18 -8.89
N GLY B 202 -0.34 24.95 -9.77
CA GLY B 202 0.14 26.29 -10.06
C GLY B 202 -0.22 27.33 -9.01
N ALA B 203 -1.07 26.98 -8.06
CA ALA B 203 -1.49 27.90 -7.01
C ALA B 203 -0.78 27.64 -5.68
N GLN B 204 0.28 26.83 -5.69
CA GLN B 204 0.97 26.51 -4.45
C GLN B 204 1.85 27.67 -3.99
N ARG B 205 2.68 28.20 -4.90
CA ARG B 205 3.58 29.32 -4.60
C ARG B 205 4.49 29.00 -3.40
N SER B 206 4.93 27.75 -3.32
CA SER B 206 5.82 27.31 -2.24
C SER B 206 7.10 26.72 -2.82
N GLU B 207 7.93 26.13 -1.97
CA GLU B 207 9.15 25.48 -2.44
C GLU B 207 8.78 24.19 -3.15
N ARG B 208 9.12 24.09 -4.43
CA ARG B 208 8.70 22.94 -5.24
C ARG B 208 9.35 21.65 -4.77
N LYS B 209 10.57 21.74 -4.21
CA LYS B 209 11.33 20.53 -3.91
C LYS B 209 10.67 19.69 -2.82
N LYS B 210 9.98 20.33 -1.88
CA LYS B 210 9.48 19.59 -0.71
C LYS B 210 8.29 18.70 -1.05
N TRP B 211 7.47 19.09 -2.03
CA TRP B 211 6.25 18.34 -2.34
C TRP B 211 6.26 17.73 -3.73
N ILE B 212 7.36 17.82 -4.47
CA ILE B 212 7.37 17.32 -5.84
C ILE B 212 7.50 15.80 -5.90
N HIS B 213 7.91 15.15 -4.81
CA HIS B 213 8.00 13.70 -4.80
C HIS B 213 6.66 13.02 -4.60
N CYS B 214 5.62 13.77 -4.23
CA CYS B 214 4.28 13.21 -4.14
C CYS B 214 3.74 12.79 -5.50
N PHE B 215 4.22 13.41 -6.57
CA PHE B 215 3.77 13.11 -7.93
C PHE B 215 4.69 12.15 -8.66
N GLU B 216 5.65 11.55 -7.96
CA GLU B 216 6.55 10.58 -8.57
C GLU B 216 5.77 9.30 -8.87
N GLY B 217 5.38 9.12 -10.12
CA GLY B 217 4.60 7.97 -10.50
C GLY B 217 3.47 8.30 -11.46
N VAL B 218 3.37 9.57 -11.87
CA VAL B 218 2.37 9.96 -12.85
C VAL B 218 2.75 9.38 -14.21
N ALA B 219 1.72 9.13 -15.04
CA ALA B 219 1.98 8.58 -16.36
C ALA B 219 2.75 9.56 -17.24
N ALA B 220 2.40 10.84 -17.19
CA ALA B 220 3.05 11.83 -18.03
C ALA B 220 2.94 13.19 -17.37
N ILE B 221 3.75 14.13 -17.86
CA ILE B 221 3.76 15.51 -17.39
C ILE B 221 3.35 16.40 -18.54
N ILE B 222 2.33 17.22 -18.33
CA ILE B 222 1.82 18.14 -19.34
C ILE B 222 2.34 19.53 -18.99
N PHE B 223 3.19 20.08 -19.85
CA PHE B 223 3.81 21.38 -19.64
C PHE B 223 3.21 22.36 -20.63
N CYS B 224 2.80 23.53 -20.13
CA CYS B 224 2.20 24.56 -20.95
C CYS B 224 3.13 25.77 -21.03
N VAL B 225 3.49 26.15 -22.25
CA VAL B 225 4.34 27.31 -22.50
C VAL B 225 3.62 28.22 -23.48
N ALA B 226 3.53 29.50 -23.15
CA ALA B 226 2.92 30.48 -24.04
C ALA B 226 3.97 31.02 -25.00
N LEU B 227 3.77 30.77 -26.29
CA LEU B 227 4.70 31.25 -27.31
C LEU B 227 4.66 32.76 -27.47
N SER B 228 3.64 33.43 -26.94
CA SER B 228 3.49 34.86 -27.15
C SER B 228 4.25 35.70 -26.13
N ASP B 229 4.77 35.09 -25.06
CA ASP B 229 5.50 35.82 -24.03
C ASP B 229 7.01 35.73 -24.21
N TYR B 230 7.48 35.57 -25.45
CA TYR B 230 8.91 35.53 -25.70
C TYR B 230 9.56 36.90 -25.51
N ASP B 231 8.78 37.97 -25.61
CA ASP B 231 9.31 39.33 -25.44
C ASP B 231 8.82 40.01 -24.17
N LEU B 232 7.69 39.60 -23.62
CA LEU B 232 7.21 40.19 -22.38
C LEU B 232 8.12 39.81 -21.21
N VAL B 233 8.21 40.72 -20.24
CA VAL B 233 9.01 40.50 -19.05
C VAL B 233 8.10 40.33 -17.85
N LEU B 234 8.64 39.73 -16.80
CA LEU B 234 7.89 39.47 -15.58
C LEU B 234 7.62 40.77 -14.82
N GLU B 239 13.75 43.47 -16.51
CA GLU B 239 14.05 42.31 -15.69
C GLU B 239 14.44 41.12 -16.56
N MET B 240 13.66 40.04 -16.46
CA MET B 240 13.87 38.84 -17.26
C MET B 240 12.60 38.54 -18.03
N ASN B 241 12.74 38.20 -19.32
CA ASN B 241 11.59 37.88 -20.14
C ASN B 241 10.93 36.59 -19.68
N ARG B 242 9.61 36.51 -19.87
CA ARG B 242 8.85 35.39 -19.34
C ARG B 242 9.24 34.06 -19.98
N MET B 243 9.73 34.09 -21.21
CA MET B 243 10.10 32.85 -21.89
C MET B 243 11.26 32.16 -21.18
N HIS B 244 12.27 32.92 -20.75
CA HIS B 244 13.38 32.34 -20.01
C HIS B 244 12.95 31.81 -18.65
N GLU B 245 11.92 32.39 -18.05
CA GLU B 245 11.40 31.86 -16.79
C GLU B 245 10.84 30.46 -16.99
N SER B 246 10.09 30.25 -18.07
CA SER B 246 9.55 28.92 -18.37
C SER B 246 10.68 27.94 -18.65
N MET B 247 11.70 28.36 -19.39
CA MET B 247 12.84 27.49 -19.65
C MET B 247 13.59 27.16 -18.36
N LYS B 248 13.60 28.08 -17.40
CA LYS B 248 14.20 27.80 -16.11
C LYS B 248 13.36 26.78 -15.33
N LEU B 249 12.04 26.93 -15.37
CA LEU B 249 11.17 25.96 -14.71
C LEU B 249 11.16 24.62 -15.44
N PHE B 250 11.17 24.65 -16.77
CA PHE B 250 11.18 23.42 -17.56
C PHE B 250 12.46 22.63 -17.30
N ASP B 251 13.60 23.33 -17.21
CA ASP B 251 14.86 22.64 -16.95
C ASP B 251 14.85 21.92 -15.61
N SER B 252 14.30 22.57 -14.58
CA SER B 252 14.27 21.96 -13.25
C SER B 252 13.37 20.73 -13.23
N ILE B 253 12.22 20.78 -13.88
CA ILE B 253 11.28 19.66 -13.84
C ILE B 253 11.72 18.55 -14.79
N CYS B 254 12.44 18.90 -15.86
CA CYS B 254 12.88 17.88 -16.81
C CYS B 254 14.04 17.07 -16.24
N ASN B 255 14.94 17.73 -15.52
CA ASN B 255 16.11 17.08 -14.94
C ASN B 255 15.93 16.73 -13.47
N ASN B 256 14.69 16.68 -12.98
CA ASN B 256 14.43 16.32 -11.60
C ASN B 256 14.85 14.88 -11.34
N LYS B 257 15.30 14.60 -10.13
CA LYS B 257 15.69 13.25 -9.78
C LYS B 257 14.50 12.34 -9.71
N TRP B 258 13.36 12.90 -9.36
CA TRP B 258 12.14 12.10 -9.27
C TRP B 258 11.53 11.80 -10.63
N PHE B 259 11.79 12.64 -11.63
CA PHE B 259 11.29 12.44 -13.00
C PHE B 259 12.48 12.15 -13.90
N THR B 260 12.88 10.88 -13.97
CA THR B 260 13.94 10.45 -14.86
C THR B 260 13.44 9.64 -16.04
N ASP B 261 12.21 9.12 -15.99
CA ASP B 261 11.66 8.34 -17.08
C ASP B 261 10.23 8.72 -17.43
N THR B 262 9.62 9.67 -16.73
CA THR B 262 8.26 10.09 -17.05
C THR B 262 8.26 10.97 -18.30
N SER B 263 7.42 10.63 -19.26
CA SER B 263 7.33 11.40 -20.49
C SER B 263 6.75 12.79 -20.22
N ILE B 264 7.24 13.77 -20.95
CA ILE B 264 6.80 15.16 -20.81
C ILE B 264 6.10 15.55 -22.10
N ILE B 265 4.84 15.94 -21.99
CA ILE B 265 4.06 16.42 -23.13
C ILE B 265 4.10 17.95 -23.10
N LEU B 266 4.90 18.54 -23.97
CA LEU B 266 5.10 19.98 -24.01
C LEU B 266 4.08 20.60 -24.96
N PHE B 267 3.26 21.50 -24.44
CA PHE B 267 2.26 22.22 -25.23
C PHE B 267 2.74 23.66 -25.38
N LEU B 268 2.83 24.13 -26.62
CA LEU B 268 3.19 25.51 -26.90
C LEU B 268 1.94 26.23 -27.40
N ASN B 269 1.24 26.89 -26.48
CA ASN B 269 -0.03 27.53 -26.77
C ASN B 269 0.19 28.91 -27.37
N LYS B 270 -0.92 29.59 -27.67
CA LYS B 270 -0.91 30.96 -28.16
C LYS B 270 -0.09 31.09 -29.45
N LYS B 271 -0.19 30.08 -30.31
CA LYS B 271 0.54 30.11 -31.56
C LYS B 271 -0.04 31.13 -32.54
N ASP B 272 -1.31 31.48 -32.38
CA ASP B 272 -1.91 32.49 -33.25
C ASP B 272 -1.37 33.88 -32.93
N LEU B 273 -1.33 34.25 -31.64
CA LEU B 273 -0.78 35.54 -31.25
C LEU B 273 0.72 35.58 -31.51
N PHE B 274 1.41 34.44 -31.33
CA PHE B 274 2.83 34.38 -31.64
C PHE B 274 3.07 34.60 -33.13
N GLU B 275 2.16 34.11 -33.97
CA GLU B 275 2.31 34.31 -35.42
C GLU B 275 2.21 35.78 -35.79
N GLU B 276 1.29 36.51 -35.17
CA GLU B 276 1.12 37.92 -35.49
C GLU B 276 2.21 38.79 -34.86
N LYS B 277 2.74 38.37 -33.72
CA LYS B 277 3.69 39.23 -32.99
C LYS B 277 5.03 39.31 -33.70
N ILE B 278 5.49 38.20 -34.30
CA ILE B 278 6.80 38.20 -34.94
C ILE B 278 6.83 39.08 -36.17
N LYS B 279 5.67 39.42 -36.74
CA LYS B 279 5.64 40.31 -37.89
C LYS B 279 6.12 41.71 -37.54
N LYS B 280 5.89 42.14 -36.30
CA LYS B 280 6.30 43.46 -35.85
C LYS B 280 7.42 43.43 -34.82
N SER B 281 7.76 42.27 -34.26
CA SER B 281 8.82 42.15 -33.27
C SER B 281 9.74 40.99 -33.64
N PRO B 282 11.04 41.13 -33.40
CA PRO B 282 11.97 40.05 -33.74
C PRO B 282 12.19 39.08 -32.59
N LEU B 283 12.46 37.81 -32.92
CA LEU B 283 12.77 36.81 -31.91
C LEU B 283 14.08 37.10 -31.19
N THR B 284 14.94 37.95 -31.77
CA THR B 284 16.21 38.28 -31.13
C THR B 284 16.03 38.97 -29.78
N ILE B 285 14.84 39.50 -29.50
CA ILE B 285 14.58 40.09 -28.19
C ILE B 285 14.76 39.04 -27.10
N CYS B 286 14.26 37.82 -27.33
CA CYS B 286 14.40 36.76 -26.34
C CYS B 286 15.80 36.15 -26.36
N TYR B 287 16.19 35.59 -27.51
CA TYR B 287 17.49 34.94 -27.66
C TYR B 287 18.37 35.81 -28.56
N GLN B 288 19.46 36.33 -28.00
CA GLN B 288 20.35 37.19 -28.76
C GLN B 288 21.16 36.42 -29.79
N GLU B 289 21.25 35.10 -29.66
CA GLU B 289 22.04 34.27 -30.56
C GLU B 289 21.24 33.77 -31.76
N TYR B 290 19.95 34.07 -31.83
CA TYR B 290 19.14 33.64 -32.96
C TYR B 290 19.54 34.36 -34.23
N ALA B 291 19.62 33.61 -35.33
CA ALA B 291 19.97 34.17 -36.64
C ALA B 291 19.09 33.48 -37.67
N GLY B 292 17.96 34.11 -38.00
CA GLY B 292 17.04 33.53 -38.95
C GLY B 292 15.94 34.51 -39.29
N SER B 293 15.15 34.15 -40.29
CA SER B 293 14.06 35.00 -40.74
C SER B 293 12.97 35.09 -39.68
N ASN B 294 12.24 36.21 -39.69
CA ASN B 294 11.13 36.43 -38.76
C ASN B 294 9.84 35.86 -39.35
N THR B 295 9.87 34.56 -39.62
CA THR B 295 8.72 33.82 -40.12
C THR B 295 8.23 32.85 -39.05
N TYR B 296 6.98 32.43 -39.20
CA TYR B 296 6.38 31.54 -38.19
C TYR B 296 7.10 30.21 -38.15
N GLU B 297 7.31 29.58 -39.31
CA GLU B 297 7.88 28.24 -39.34
C GLU B 297 9.30 28.21 -38.80
N GLU B 298 10.11 29.20 -39.15
CA GLU B 298 11.50 29.20 -38.71
C GLU B 298 11.62 29.56 -37.23
N ALA B 299 10.87 30.57 -36.79
CA ALA B 299 10.97 31.01 -35.40
C ALA B 299 10.36 29.99 -34.44
N ALA B 300 9.20 29.44 -34.79
CA ALA B 300 8.54 28.50 -33.89
C ALA B 300 9.36 27.23 -33.72
N ALA B 301 9.94 26.72 -34.80
CA ALA B 301 10.79 25.54 -34.70
C ALA B 301 12.06 25.83 -33.90
N TYR B 302 12.51 27.08 -33.90
CA TYR B 302 13.69 27.44 -33.12
C TYR B 302 13.39 27.46 -31.64
N ILE B 303 12.17 27.85 -31.26
CA ILE B 303 11.78 27.83 -29.86
C ILE B 303 11.64 26.40 -29.36
N GLN B 304 11.08 25.52 -30.18
CA GLN B 304 10.86 24.13 -29.76
C GLN B 304 12.19 23.42 -29.49
N CYS B 305 13.17 23.59 -30.37
CA CYS B 305 14.42 22.87 -30.20
C CYS B 305 15.22 23.39 -29.02
N GLN B 306 15.03 24.65 -28.63
CA GLN B 306 15.69 25.15 -27.43
C GLN B 306 15.06 24.56 -26.17
N PHE B 307 13.80 24.14 -26.26
CA PHE B 307 13.17 23.49 -25.11
C PHE B 307 13.58 22.03 -25.00
N GLU B 308 13.77 21.36 -26.15
CA GLU B 308 14.24 19.98 -26.13
C GLU B 308 15.72 19.87 -25.82
N ASP B 309 16.47 20.96 -25.99
CA ASP B 309 17.90 20.94 -25.65
C ASP B 309 18.14 20.92 -24.16
N LEU B 310 17.21 21.43 -23.36
CA LEU B 310 17.35 21.41 -21.91
C LEU B 310 17.27 20.00 -21.34
N ASN B 311 16.82 19.03 -22.12
CA ASN B 311 16.75 17.65 -21.66
C ASN B 311 18.13 17.03 -21.69
N LYS B 312 18.65 16.65 -20.52
CA LYS B 312 19.94 15.99 -20.43
C LYS B 312 19.81 14.47 -20.45
N ARG B 313 18.66 13.94 -20.03
CA ARG B 313 18.39 12.51 -20.10
C ARG B 313 17.80 12.17 -21.48
N LYS B 314 18.65 12.33 -22.50
CA LYS B 314 18.20 12.19 -23.88
C LYS B 314 17.91 10.75 -24.27
N ASP B 315 18.36 9.77 -23.47
CA ASP B 315 18.26 8.37 -23.85
C ASP B 315 17.25 7.57 -23.04
N THR B 316 16.75 8.11 -21.92
CA THR B 316 15.83 7.37 -21.08
C THR B 316 14.43 7.97 -21.03
N LYS B 317 14.24 9.20 -21.46
CA LYS B 317 12.92 9.83 -21.49
C LYS B 317 12.75 10.57 -22.81
N GLU B 318 11.48 10.77 -23.19
CA GLU B 318 11.14 11.41 -24.44
C GLU B 318 10.23 12.61 -24.18
N ILE B 319 10.39 13.66 -24.98
CA ILE B 319 9.63 14.89 -24.84
C ILE B 319 8.76 15.05 -26.08
N TYR B 320 7.45 15.14 -25.88
CA TYR B 320 6.49 15.29 -26.96
C TYR B 320 6.11 16.77 -27.06
N THR B 321 6.35 17.36 -28.22
CA THR B 321 6.08 18.77 -28.45
C THR B 321 4.89 18.92 -29.38
N HIS B 322 3.93 19.75 -28.97
CA HIS B 322 2.74 20.02 -29.77
C HIS B 322 2.48 21.51 -29.79
N PHE B 323 2.26 22.06 -30.99
CA PHE B 323 1.93 23.47 -31.15
C PHE B 323 0.42 23.62 -31.10
N THR B 324 -0.08 24.25 -30.05
CA THR B 324 -1.51 24.30 -29.77
C THR B 324 -2.07 25.68 -30.07
N CYS B 325 -3.24 25.70 -30.72
CA CYS B 325 -3.99 26.92 -30.95
C CYS B 325 -4.97 27.14 -29.80
N SER B 326 -5.38 28.41 -29.63
CA SER B 326 -6.35 28.73 -28.58
C SER B 326 -7.68 28.05 -28.84
N THR B 327 -8.12 28.02 -30.09
CA THR B 327 -9.37 27.36 -30.49
C THR B 327 -9.01 26.27 -31.50
N ASP B 328 -8.71 25.07 -31.00
CA ASP B 328 -8.33 23.95 -31.84
C ASP B 328 -8.75 22.67 -31.14
N THR B 329 -8.79 21.58 -31.91
CA THR B 329 -9.16 20.27 -31.38
C THR B 329 -8.01 19.29 -31.50
N LYS B 330 -8.26 18.03 -31.18
CA LYS B 330 -7.28 16.94 -31.19
C LYS B 330 -6.16 17.16 -30.18
N ASN B 331 -6.35 18.05 -29.20
CA ASN B 331 -5.36 18.20 -28.15
C ASN B 331 -5.39 17.03 -27.18
N VAL B 332 -6.59 16.53 -26.88
CA VAL B 332 -6.71 15.37 -25.99
C VAL B 332 -6.22 14.12 -26.69
N GLN B 333 -6.35 14.04 -28.02
CA GLN B 333 -5.84 12.89 -28.75
C GLN B 333 -4.32 12.79 -28.64
N PHE B 334 -3.63 13.93 -28.72
CA PHE B 334 -2.18 13.92 -28.58
C PHE B 334 -1.77 13.48 -27.18
N VAL B 335 -2.54 13.88 -26.17
CA VAL B 335 -2.26 13.41 -24.81
C VAL B 335 -2.50 11.92 -24.70
N PHE B 336 -3.56 11.42 -25.34
CA PHE B 336 -3.85 9.99 -25.31
C PHE B 336 -2.74 9.18 -25.98
N ASP B 337 -2.23 9.67 -27.11
CA ASP B 337 -1.17 8.95 -27.81
C ASP B 337 0.10 8.90 -26.97
N ALA B 338 0.49 10.01 -26.36
CA ALA B 338 1.71 10.03 -25.55
C ALA B 338 1.54 9.29 -24.24
N VAL B 339 0.29 9.06 -23.82
CA VAL B 339 0.05 8.30 -22.61
C VAL B 339 0.04 6.80 -22.91
N THR B 340 -0.48 6.42 -24.08
CA THR B 340 -0.47 5.02 -24.48
C THR B 340 0.96 4.50 -24.62
N ASP B 341 1.87 5.33 -25.14
CA ASP B 341 3.27 4.94 -25.22
C ASP B 341 3.86 4.66 -23.85
N VAL B 342 3.44 5.42 -22.84
CA VAL B 342 3.90 5.14 -21.48
C VAL B 342 3.35 3.82 -20.98
N ILE B 343 2.09 3.51 -21.33
CA ILE B 343 1.49 2.25 -20.90
C ILE B 343 2.19 1.06 -21.55
N ILE B 344 2.51 1.17 -22.84
CA ILE B 344 3.20 0.08 -23.52
C ILE B 344 4.56 -0.17 -22.90
N LYS B 345 5.31 0.89 -22.61
CA LYS B 345 6.59 0.74 -21.93
C LYS B 345 6.39 0.24 -20.51
N ASN B 346 5.32 0.69 -19.83
CA ASN B 346 4.99 0.16 -18.52
C ASN B 346 4.63 -1.31 -18.59
N ASN B 347 3.85 -1.70 -19.61
CA ASN B 347 3.49 -3.11 -19.77
C ASN B 347 4.70 -3.96 -20.07
N LEU B 348 5.61 -3.47 -20.92
CA LEU B 348 6.78 -4.26 -21.28
C LEU B 348 7.77 -4.38 -20.13
N LYS B 349 7.65 -3.53 -19.11
CA LYS B 349 8.45 -3.72 -17.91
C LYS B 349 8.02 -4.95 -17.14
N ASP B 350 6.71 -5.16 -17.01
CA ASP B 350 6.21 -6.31 -16.28
C ASP B 350 6.56 -7.62 -16.97
N CYS B 351 6.48 -7.65 -18.31
CA CYS B 351 6.75 -8.87 -19.05
C CYS B 351 8.25 -9.12 -19.25
N GLY B 352 9.09 -8.13 -18.98
CA GLY B 352 10.53 -8.30 -19.03
C GLY B 352 11.16 -8.04 -20.39
N LEU B 353 10.34 -7.83 -21.42
CA LEU B 353 10.89 -7.57 -22.74
C LEU B 353 11.69 -6.28 -22.77
N PHE B 354 11.19 -5.23 -22.13
CA PHE B 354 11.85 -3.93 -22.10
C PHE B 354 12.48 -3.69 -20.73
N SER C 18 18.75 56.77 4.56
CA SER C 18 19.46 55.49 4.49
C SER C 18 19.31 54.72 5.79
N GLU C 19 18.09 54.70 6.35
CA GLU C 19 17.84 53.99 7.59
C GLU C 19 17.89 52.48 7.43
N LEU C 20 17.65 51.97 6.21
CA LEU C 20 17.69 50.53 5.99
C LEU C 20 19.09 49.97 6.24
N ASP C 21 20.11 50.68 5.76
CA ASP C 21 21.49 50.24 6.01
C ASP C 21 21.83 50.30 7.49
N GLN C 22 21.37 51.35 8.18
CA GLN C 22 21.62 51.47 9.62
C GLN C 22 20.94 50.34 10.38
N LEU C 23 19.69 50.02 10.02
CA LEU C 23 19.00 48.92 10.68
C LEU C 23 19.68 47.58 10.41
N ARG C 24 20.11 47.36 9.17
CA ARG C 24 20.80 46.12 8.83
C ARG C 24 22.14 46.04 9.56
N GLN C 25 22.87 47.14 9.66
CA GLN C 25 24.13 47.14 10.39
C GLN C 25 23.92 46.90 11.87
N GLU C 26 22.84 47.46 12.44
CA GLU C 26 22.53 47.24 13.85
C GLU C 26 22.23 45.77 14.11
N ALA C 27 21.49 45.12 13.20
CA ALA C 27 21.15 43.72 13.39
C ALA C 27 22.39 42.84 13.40
N GLU C 28 23.36 43.15 12.54
CA GLU C 28 24.59 42.36 12.51
C GLU C 28 25.34 42.44 13.83
N GLN C 29 25.42 43.64 14.41
CA GLN C 29 26.01 43.78 15.74
C GLN C 29 25.19 43.07 16.79
N LEU C 30 23.85 43.17 16.70
CA LEU C 30 22.99 42.48 17.65
C LEU C 30 23.11 40.96 17.49
N LYS C 31 23.22 40.48 16.26
CA LYS C 31 23.41 39.05 16.04
C LYS C 31 24.75 38.58 16.60
N ASN C 32 25.79 39.40 16.48
CA ASN C 32 27.08 39.05 17.05
C ASN C 32 27.02 38.99 18.57
N GLN C 33 26.19 39.84 19.19
CA GLN C 33 26.04 39.81 20.63
C GLN C 33 25.44 38.49 21.11
N ILE C 34 24.47 37.97 20.35
CA ILE C 34 23.86 36.69 20.72
C ILE C 34 24.89 35.56 20.63
N ARG C 35 25.68 35.56 19.56
CA ARG C 35 26.68 34.51 19.39
C ARG C 35 27.75 34.59 20.47
N ASP C 36 28.15 35.80 20.86
CA ASP C 36 29.12 35.96 21.93
C ASP C 36 28.58 35.46 23.26
N ALA C 37 27.32 35.76 23.56
CA ALA C 37 26.71 35.28 24.80
C ALA C 37 26.57 33.77 24.80
N ARG C 38 26.18 33.19 23.66
CA ARG C 38 26.04 31.74 23.58
C ARG C 38 27.39 31.04 23.72
N LYS C 39 28.46 31.68 23.23
CA LYS C 39 29.78 31.10 23.36
C LYS C 39 30.29 31.16 24.80
N ALA C 40 29.87 32.18 25.56
CA ALA C 40 30.29 32.29 26.94
C ALA C 40 29.70 31.16 27.79
N CYS C 41 28.46 30.77 27.52
CA CYS C 41 27.80 29.72 28.29
C CYS C 41 28.26 28.32 27.89
N ALA C 42 29.05 28.19 26.83
CA ALA C 42 29.55 26.88 26.39
C ALA C 42 30.77 26.51 27.24
N ASP C 43 30.49 26.21 28.51
CA ASP C 43 31.56 25.82 29.44
C ASP C 43 32.21 24.52 29.01
N ALA C 44 31.43 23.55 28.57
CA ALA C 44 31.94 22.26 28.14
C ALA C 44 31.02 21.72 27.05
N THR C 45 31.15 20.43 26.76
CA THR C 45 30.35 19.76 25.75
C THR C 45 29.60 18.59 26.39
N LEU C 46 28.48 18.23 25.75
CA LEU C 46 27.71 17.07 26.23
C LEU C 46 28.53 15.79 26.14
N SER C 47 29.35 15.66 25.09
CA SER C 47 30.20 14.48 24.96
C SER C 47 31.21 14.40 26.10
N GLN C 48 31.80 15.53 26.48
CA GLN C 48 32.76 15.53 27.58
C GLN C 48 32.08 15.22 28.91
N ILE C 49 30.89 15.78 29.14
CA ILE C 49 30.21 15.56 30.42
C ILE C 49 29.80 14.11 30.57
N THR C 50 29.21 13.51 29.54
CA THR C 50 28.75 12.14 29.58
C THR C 50 29.76 11.17 28.97
N ASN C 51 31.05 11.46 29.10
CA ASN C 51 32.06 10.49 28.69
C ASN C 51 32.22 9.38 29.72
N ASN C 52 31.83 9.65 30.97
CA ASN C 52 32.02 8.66 32.03
C ASN C 52 30.96 7.57 31.97
N ILE C 53 29.75 7.90 31.53
CA ILE C 53 28.63 6.96 31.57
C ILE C 53 28.90 5.80 30.62
N ASP C 54 28.58 4.59 31.08
CA ASP C 54 28.76 3.40 30.27
C ASP C 54 27.79 3.41 29.09
N PRO C 55 28.18 2.83 27.96
CA PRO C 55 27.30 2.86 26.79
C PRO C 55 26.18 1.84 26.91
N VAL C 56 25.11 2.07 26.14
CA VAL C 56 23.95 1.21 26.17
C VAL C 56 24.19 -0.11 25.45
N GLY C 57 25.24 -0.20 24.64
CA GLY C 57 25.51 -1.42 23.91
C GLY C 57 24.67 -1.55 22.66
N ARG C 58 24.90 -2.65 21.95
CA ARG C 58 24.14 -2.92 20.73
C ARG C 58 22.68 -3.21 21.08
N ILE C 59 21.77 -2.61 20.31
CA ILE C 59 20.33 -2.80 20.49
C ILE C 59 19.76 -3.45 19.24
N GLN C 60 19.16 -4.62 19.41
CA GLN C 60 18.55 -5.36 18.31
C GLN C 60 17.04 -5.37 18.52
N MET C 61 16.30 -4.91 17.51
CA MET C 61 14.85 -4.88 17.55
C MET C 61 14.31 -5.79 16.45
N ARG C 62 13.36 -6.63 16.81
CA ARG C 62 12.73 -7.56 15.88
C ARG C 62 11.33 -7.08 15.55
N THR C 63 10.96 -7.21 14.28
CA THR C 63 9.65 -6.78 13.80
C THR C 63 8.58 -7.67 14.43
N ARG C 64 7.90 -7.15 15.43
CA ARG C 64 6.86 -7.91 16.12
C ARG C 64 5.54 -7.95 15.36
N ARG C 65 5.32 -7.01 14.44
CA ARG C 65 4.06 -6.96 13.69
C ARG C 65 4.29 -6.21 12.40
N THR C 66 3.50 -6.57 11.39
CA THR C 66 3.50 -5.88 10.10
C THR C 66 2.06 -5.59 9.72
N LEU C 67 1.76 -4.32 9.45
CA LEU C 67 0.41 -3.89 9.12
C LEU C 67 0.31 -3.64 7.62
N ARG C 68 -0.59 -4.36 6.95
CA ARG C 68 -0.75 -4.29 5.52
C ARG C 68 -2.15 -3.83 5.17
N GLY C 69 -2.29 -3.17 4.03
CA GLY C 69 -3.56 -2.65 3.60
C GLY C 69 -3.46 -1.32 2.86
N HIS C 70 -2.34 -0.63 3.04
CA HIS C 70 -2.09 0.59 2.29
C HIS C 70 -1.54 0.25 0.92
N LEU C 71 -2.08 0.89 -0.12
CA LEU C 71 -1.69 0.62 -1.50
C LEU C 71 -0.86 1.76 -2.09
N ALA C 72 -0.31 2.62 -1.26
CA ALA C 72 0.51 3.74 -1.73
C ALA C 72 1.47 4.13 -0.61
N LYS C 73 2.33 5.10 -0.91
CA LYS C 73 3.34 5.53 0.06
C LYS C 73 2.67 6.05 1.32
N ILE C 74 3.23 5.66 2.47
CA ILE C 74 2.75 6.12 3.77
C ILE C 74 3.58 7.34 4.17
N TYR C 75 2.91 8.47 4.35
CA TYR C 75 3.60 9.74 4.62
C TYR C 75 3.60 10.14 6.08
N ALA C 76 2.70 9.61 6.90
CA ALA C 76 2.64 10.02 8.29
C ALA C 76 1.94 8.96 9.12
N MET C 77 2.23 8.98 10.43
CA MET C 77 1.57 8.13 11.40
C MET C 77 1.53 8.86 12.72
N HIS C 78 0.63 8.40 13.60
CA HIS C 78 0.61 8.92 14.97
C HIS C 78 0.02 7.86 15.90
N TRP C 79 0.73 7.60 16.99
CA TRP C 79 0.25 6.68 18.01
C TRP C 79 -0.89 7.31 18.81
N GLY C 80 -1.80 6.46 19.26
CA GLY C 80 -2.78 6.87 20.24
C GLY C 80 -2.17 6.95 21.64
N THR C 81 -2.81 7.74 22.50
CA THR C 81 -2.30 7.91 23.85
C THR C 81 -2.43 6.62 24.68
N ASP C 82 -3.24 5.67 24.23
CA ASP C 82 -3.40 4.40 24.93
C ASP C 82 -2.31 3.40 24.57
N SER C 83 -1.40 3.74 23.67
CA SER C 83 -0.30 2.89 23.25
C SER C 83 -0.78 1.59 22.60
N ARG C 84 -2.01 1.57 22.11
CA ARG C 84 -2.59 0.42 21.44
C ARG C 84 -3.10 0.73 20.05
N LEU C 85 -3.69 1.91 19.85
CA LEU C 85 -4.19 2.33 18.56
C LEU C 85 -3.23 3.28 17.89
N LEU C 86 -3.17 3.21 16.56
CA LEU C 86 -2.37 4.13 15.77
C LEU C 86 -3.11 4.42 14.47
N VAL C 87 -2.89 5.63 13.95
CA VAL C 87 -3.48 6.09 12.70
C VAL C 87 -2.36 6.36 11.71
N SER C 88 -2.58 5.96 10.45
CA SER C 88 -1.58 6.13 9.42
C SER C 88 -2.22 6.80 8.20
N ALA C 89 -1.43 7.66 7.56
CA ALA C 89 -1.88 8.38 6.37
C ALA C 89 -1.07 7.92 5.16
N SER C 90 -1.77 7.73 4.04
CA SER C 90 -1.13 7.30 2.81
C SER C 90 -1.81 7.99 1.64
N GLN C 91 -1.09 8.06 0.52
CA GLN C 91 -1.53 8.82 -0.64
C GLN C 91 -2.49 8.07 -1.54
N ASP C 92 -3.09 6.99 -1.06
CA ASP C 92 -4.20 6.38 -1.79
C ASP C 92 -5.53 6.97 -1.39
N GLY C 93 -5.53 7.99 -0.53
CA GLY C 93 -6.75 8.67 -0.14
C GLY C 93 -7.47 8.09 1.06
N LYS C 94 -6.80 7.28 1.88
CA LYS C 94 -7.43 6.65 3.03
C LYS C 94 -6.63 6.89 4.29
N LEU C 95 -7.34 7.15 5.39
CA LEU C 95 -6.77 7.27 6.72
C LEU C 95 -7.21 6.04 7.51
N ILE C 96 -6.26 5.17 7.84
CA ILE C 96 -6.55 3.88 8.44
C ILE C 96 -6.11 3.90 9.91
N ILE C 97 -6.99 3.45 10.79
CA ILE C 97 -6.71 3.35 12.22
C ILE C 97 -6.52 1.87 12.54
N TRP C 98 -5.37 1.53 13.09
CA TRP C 98 -5.00 0.14 13.34
C TRP C 98 -5.11 -0.20 14.81
N ASP C 99 -5.31 -1.48 15.09
CA ASP C 99 -5.17 -2.04 16.43
C ASP C 99 -3.81 -2.72 16.48
N SER C 100 -2.83 -2.05 17.08
CA SER C 100 -1.44 -2.48 16.98
C SER C 100 -1.17 -3.80 17.71
N TYR C 101 -2.10 -4.27 18.55
CA TYR C 101 -1.90 -5.55 19.23
C TYR C 101 -2.32 -6.72 18.34
N THR C 102 -3.46 -6.60 17.65
CA THR C 102 -4.02 -7.67 16.85
C THR C 102 -4.01 -7.37 15.35
N THR C 103 -3.36 -6.28 14.94
CA THR C 103 -3.19 -5.92 13.52
C THR C 103 -4.52 -5.51 12.88
N ASN C 104 -5.62 -5.65 13.62
CA ASN C 104 -6.96 -5.38 13.11
C ASN C 104 -7.12 -3.91 12.76
N LYS C 105 -8.02 -3.64 11.81
CA LYS C 105 -8.29 -2.27 11.36
C LYS C 105 -9.58 -1.80 12.00
N VAL C 106 -9.46 -0.85 12.93
CA VAL C 106 -10.64 -0.31 13.60
C VAL C 106 -11.43 0.58 12.65
N HIS C 107 -10.74 1.39 11.84
CA HIS C 107 -11.42 2.34 10.97
C HIS C 107 -10.64 2.50 9.67
N ALA C 108 -11.35 2.96 8.64
CA ALA C 108 -10.75 3.31 7.35
C ALA C 108 -11.50 4.53 6.83
N ILE C 109 -10.86 5.69 6.87
CA ILE C 109 -11.49 6.97 6.56
C ILE C 109 -11.05 7.41 5.17
N PRO C 110 -11.96 7.51 4.20
CA PRO C 110 -11.58 8.03 2.88
C PRO C 110 -11.55 9.56 2.91
N LEU C 111 -10.42 10.12 2.49
CA LEU C 111 -10.21 11.56 2.49
C LEU C 111 -10.70 12.19 1.19
N ARG C 112 -11.10 13.46 1.29
CA ARG C 112 -11.52 14.20 0.10
C ARG C 112 -10.37 14.38 -0.87
N SER C 113 -9.18 14.68 -0.36
CA SER C 113 -7.99 14.87 -1.17
C SER C 113 -6.97 13.79 -0.82
N SER C 114 -6.51 13.06 -1.83
CA SER C 114 -5.55 11.99 -1.62
C SER C 114 -4.15 12.49 -1.32
N TRP C 115 -3.89 13.78 -1.50
CA TRP C 115 -2.56 14.34 -1.25
C TRP C 115 -2.48 14.73 0.22
N VAL C 116 -2.24 13.72 1.05
CA VAL C 116 -2.14 13.88 2.50
C VAL C 116 -0.69 13.65 2.90
N MET C 117 -0.16 14.56 3.71
CA MET C 117 1.23 14.50 4.14
C MET C 117 1.42 14.54 5.65
N THR C 118 0.34 14.56 6.43
CA THR C 118 0.45 14.55 7.88
C THR C 118 -0.78 13.90 8.47
N CYS C 119 -0.65 13.42 9.71
CA CYS C 119 -1.74 12.79 10.44
C CYS C 119 -1.57 13.08 11.91
N ALA C 120 -2.69 13.20 12.62
CA ALA C 120 -2.67 13.47 14.05
C ALA C 120 -3.76 12.66 14.73
N TYR C 121 -3.51 12.33 16.00
CA TYR C 121 -4.44 11.60 16.84
C TYR C 121 -4.66 12.40 18.12
N ALA C 122 -5.93 12.69 18.41
CA ALA C 122 -6.23 13.51 19.58
C ALA C 122 -5.82 12.78 20.86
N PRO C 123 -5.30 13.50 21.86
CA PRO C 123 -4.95 12.84 23.12
C PRO C 123 -6.14 12.19 23.81
N SER C 124 -7.33 12.78 23.69
CA SER C 124 -8.53 12.15 24.21
C SER C 124 -8.87 10.88 23.43
N GLY C 125 -8.69 10.91 22.11
CA GLY C 125 -8.96 9.78 21.26
C GLY C 125 -10.24 9.86 20.45
N ASN C 126 -10.97 10.98 20.53
CA ASN C 126 -12.22 11.13 19.79
C ASN C 126 -12.04 11.71 18.40
N TYR C 127 -10.89 12.31 18.10
CA TYR C 127 -10.69 12.99 16.84
C TYR C 127 -9.36 12.59 16.22
N VAL C 128 -9.30 12.67 14.88
CA VAL C 128 -8.06 12.59 14.13
C VAL C 128 -8.06 13.72 13.10
N ALA C 129 -6.86 14.08 12.65
CA ALA C 129 -6.70 15.18 11.71
C ALA C 129 -5.76 14.76 10.60
N CYS C 130 -5.96 15.36 9.42
CA CYS C 130 -5.12 15.11 8.27
C CYS C 130 -5.07 16.36 7.41
N GLY C 131 -4.00 16.49 6.63
CA GLY C 131 -3.84 17.63 5.76
C GLY C 131 -2.71 17.38 4.80
N GLY C 132 -2.61 18.28 3.80
CA GLY C 132 -1.58 18.13 2.79
C GLY C 132 -1.59 19.23 1.75
N LEU C 133 -1.51 18.86 0.48
CA LEU C 133 -1.44 19.81 -0.61
C LEU C 133 -2.74 20.58 -0.83
N ASP C 134 -3.82 20.18 -0.17
CA ASP C 134 -5.09 20.89 -0.28
C ASP C 134 -5.17 22.12 0.61
N ASN C 135 -4.13 22.39 1.41
CA ASN C 135 -4.04 23.56 2.28
C ASN C 135 -5.12 23.58 3.35
N ILE C 136 -5.71 22.43 3.66
CA ILE C 136 -6.82 22.33 4.60
C ILE C 136 -6.54 21.20 5.58
N CYS C 137 -6.73 21.47 6.87
CA CYS C 137 -6.67 20.46 7.91
C CYS C 137 -8.10 20.03 8.24
N SER C 138 -8.37 18.74 8.10
CA SER C 138 -9.71 18.20 8.29
C SER C 138 -9.75 17.39 9.58
N ILE C 139 -10.71 17.72 10.45
CA ILE C 139 -10.90 17.02 11.72
C ILE C 139 -12.00 16.00 11.53
N TYR C 140 -11.74 14.76 11.95
CA TYR C 140 -12.67 13.66 11.79
C TYR C 140 -13.15 13.19 13.16
N ASN C 141 -14.46 13.08 13.32
CA ASN C 141 -15.05 12.68 14.59
C ASN C 141 -15.15 11.16 14.66
N LEU C 142 -14.38 10.56 15.56
CA LEU C 142 -14.36 9.11 15.69
C LEU C 142 -15.45 8.60 16.62
N LYS C 143 -15.95 9.45 17.54
CA LYS C 143 -16.97 9.00 18.49
C LYS C 143 -18.23 8.55 17.76
N THR C 144 -18.77 9.39 16.88
CA THR C 144 -19.86 9.04 15.98
C THR C 144 -21.02 8.41 16.74
N ARG C 145 -21.68 9.24 17.55
CA ARG C 145 -22.73 8.78 18.44
C ARG C 145 -23.79 7.94 17.72
N GLU C 146 -23.92 8.10 16.40
CA GLU C 146 -24.83 7.28 15.60
C GLU C 146 -24.30 7.25 14.16
N GLY C 147 -23.60 6.16 13.82
CA GLY C 147 -23.16 5.93 12.46
C GLY C 147 -21.66 5.64 12.41
N ASN C 148 -20.99 6.25 11.43
CA ASN C 148 -19.59 6.01 11.14
C ASN C 148 -18.80 7.32 11.25
N VAL C 149 -17.52 7.25 10.88
CA VAL C 149 -16.64 8.41 10.98
C VAL C 149 -17.05 9.45 9.95
N ARG C 150 -17.18 10.70 10.39
CA ARG C 150 -17.53 11.81 9.52
C ARG C 150 -16.63 12.99 9.84
N VAL C 151 -16.44 13.86 8.84
CA VAL C 151 -15.64 15.06 9.04
C VAL C 151 -16.39 16.03 9.94
N SER C 152 -15.64 16.73 10.79
CA SER C 152 -16.23 17.64 11.77
C SER C 152 -15.96 19.11 11.43
N ARG C 153 -14.70 19.47 11.20
CA ARG C 153 -14.34 20.84 10.89
C ARG C 153 -13.18 20.85 9.90
N GLU C 154 -13.37 21.57 8.79
CA GLU C 154 -12.33 21.76 7.80
C GLU C 154 -11.73 23.15 8.04
N LEU C 155 -10.48 23.18 8.52
CA LEU C 155 -9.83 24.41 8.92
C LEU C 155 -9.06 24.98 7.74
N ALA C 156 -9.62 26.01 7.11
CA ALA C 156 -9.01 26.67 5.97
C ALA C 156 -8.47 28.04 6.37
N GLY C 157 -7.45 28.50 5.65
CA GLY C 157 -6.84 29.77 5.94
C GLY C 157 -5.34 29.79 5.68
N HIS C 158 -4.72 28.60 5.63
CA HIS C 158 -3.32 28.52 5.29
C HIS C 158 -3.12 28.73 3.80
N THR C 159 -1.98 29.32 3.45
CA THR C 159 -1.66 29.59 2.05
C THR C 159 -0.94 28.42 1.37
N GLY C 160 -0.06 27.73 2.08
CA GLY C 160 0.71 26.64 1.51
C GLY C 160 0.27 25.29 2.06
N TYR C 161 0.98 24.27 1.59
CA TYR C 161 0.69 22.89 1.96
C TYR C 161 0.87 22.68 3.46
N LEU C 162 0.01 21.83 4.02
CA LEU C 162 0.11 21.46 5.44
C LEU C 162 1.22 20.43 5.60
N SER C 163 2.16 20.71 6.50
CA SER C 163 3.26 19.79 6.77
C SER C 163 3.12 19.05 8.10
N CYS C 164 2.49 19.67 9.08
CA CYS C 164 2.32 19.03 10.39
C CYS C 164 1.10 19.61 11.08
N CYS C 165 0.59 18.84 12.05
CA CYS C 165 -0.55 19.26 12.85
C CYS C 165 -0.56 18.45 14.13
N ARG C 166 -0.84 19.11 15.25
CA ARG C 166 -0.79 18.47 16.56
C ARG C 166 -1.93 18.98 17.42
N PHE C 167 -2.60 18.07 18.12
CA PHE C 167 -3.71 18.44 18.99
C PHE C 167 -3.18 18.85 20.36
N LEU C 168 -3.50 20.08 20.79
CA LEU C 168 -3.31 20.43 22.19
C LEU C 168 -4.36 19.78 23.07
N ASP C 169 -5.61 19.81 22.62
CA ASP C 169 -6.73 19.24 23.35
C ASP C 169 -7.80 18.86 22.33
N ASP C 170 -9.01 18.59 22.80
CA ASP C 170 -10.10 18.22 21.90
C ASP C 170 -10.65 19.41 21.13
N ASN C 171 -10.25 20.64 21.47
CA ASN C 171 -10.77 21.82 20.81
C ASN C 171 -9.70 22.72 20.21
N GLN C 172 -8.42 22.45 20.45
CA GLN C 172 -7.34 23.28 19.95
C GLN C 172 -6.33 22.43 19.20
N ILE C 173 -5.95 22.90 18.01
CA ILE C 173 -4.95 22.23 17.19
C ILE C 173 -3.96 23.28 16.69
N VAL C 174 -2.69 22.90 16.60
CA VAL C 174 -1.63 23.77 16.09
C VAL C 174 -1.07 23.14 14.83
N THR C 175 -1.00 23.92 13.76
CA THR C 175 -0.60 23.43 12.46
C THR C 175 0.53 24.27 11.90
N SER C 176 1.35 23.66 11.04
CA SER C 176 2.41 24.34 10.32
C SER C 176 2.19 24.15 8.83
N SER C 177 2.51 25.17 8.05
CA SER C 177 2.24 25.17 6.62
C SER C 177 3.50 25.53 5.85
N GLY C 178 3.41 25.42 4.53
CA GLY C 178 4.49 25.79 3.63
C GLY C 178 4.59 27.25 3.33
N ASP C 179 3.71 28.08 3.90
CA ASP C 179 3.75 29.52 3.72
C ASP C 179 4.60 30.22 4.78
N THR C 180 5.53 29.48 5.41
CA THR C 180 6.47 29.96 6.41
C THR C 180 5.79 30.41 7.71
N THR C 181 4.53 30.04 7.93
CA THR C 181 3.82 30.43 9.15
C THR C 181 3.16 29.20 9.78
N CYS C 182 3.18 29.18 11.10
CA CYS C 182 2.38 28.24 11.90
C CYS C 182 1.12 28.94 12.39
N ALA C 183 0.16 28.14 12.85
CA ALA C 183 -1.13 28.69 13.24
C ALA C 183 -1.69 27.94 14.44
N LEU C 184 -2.59 28.59 15.15
CA LEU C 184 -3.31 28.00 16.27
C LEU C 184 -4.81 28.15 16.01
N TRP C 185 -5.52 27.03 15.99
CA TRP C 185 -6.91 27.00 15.58
C TRP C 185 -7.83 26.69 16.76
N ASP C 186 -9.10 27.01 16.58
CA ASP C 186 -10.17 26.64 17.51
C ASP C 186 -11.20 25.84 16.73
N ILE C 187 -11.31 24.55 17.06
CA ILE C 187 -12.14 23.65 16.26
C ILE C 187 -13.60 24.06 16.31
N GLU C 188 -14.05 24.56 17.46
CA GLU C 188 -15.45 24.96 17.59
C GLU C 188 -15.81 26.08 16.61
N THR C 189 -14.93 27.07 16.49
CA THR C 189 -15.17 28.20 15.59
C THR C 189 -14.49 28.06 14.24
N GLY C 190 -13.34 27.40 14.18
CA GLY C 190 -12.64 27.23 12.92
C GLY C 190 -11.76 28.39 12.52
N GLN C 191 -11.47 29.31 13.44
CA GLN C 191 -10.68 30.49 13.14
C GLN C 191 -9.29 30.38 13.77
N GLN C 192 -8.31 30.99 13.12
CA GLN C 192 -6.95 31.02 13.64
C GLN C 192 -6.89 31.91 14.86
N THR C 193 -6.79 31.29 16.05
CA THR C 193 -6.65 32.07 17.27
C THR C 193 -5.36 32.87 17.27
N THR C 194 -4.25 32.26 16.87
CA THR C 194 -2.97 32.94 16.80
C THR C 194 -2.23 32.48 15.56
N THR C 195 -1.42 33.37 14.98
CA THR C 195 -0.58 33.07 13.84
C THR C 195 0.87 33.35 14.20
N PHE C 196 1.73 32.36 14.00
CA PHE C 196 3.14 32.46 14.34
C PHE C 196 3.93 32.73 13.07
N THR C 197 4.57 33.90 13.01
CA THR C 197 5.39 34.29 11.87
C THR C 197 6.83 34.53 12.34
N GLY C 198 7.76 34.40 11.40
CA GLY C 198 9.16 34.58 11.71
C GLY C 198 10.07 33.66 10.91
N HIS C 199 9.51 32.59 10.36
CA HIS C 199 10.27 31.71 9.49
C HIS C 199 10.37 32.29 8.09
N THR C 200 11.52 32.05 7.46
CA THR C 200 11.73 32.49 6.08
C THR C 200 11.62 31.36 5.07
N GLY C 201 11.45 30.11 5.53
CA GLY C 201 11.25 28.98 4.65
C GLY C 201 10.06 28.15 5.11
N ASP C 202 9.67 27.21 4.25
CA ASP C 202 8.52 26.37 4.56
C ASP C 202 8.76 25.58 5.85
N VAL C 203 7.77 25.62 6.74
CA VAL C 203 7.86 24.89 8.00
C VAL C 203 7.51 23.43 7.72
N MET C 204 8.43 22.53 8.04
CA MET C 204 8.29 21.13 7.67
C MET C 204 7.81 20.24 8.82
N SER C 205 7.96 20.67 10.06
CA SER C 205 7.56 19.85 11.19
C SER C 205 7.44 20.72 12.44
N LEU C 206 6.75 20.17 13.44
CA LEU C 206 6.61 20.82 14.73
C LEU C 206 6.43 19.75 15.79
N SER C 207 6.70 20.13 17.04
CA SER C 207 6.61 19.19 18.16
C SER C 207 6.15 19.95 19.39
N LEU C 208 5.01 19.53 19.95
CA LEU C 208 4.49 20.14 21.16
C LEU C 208 5.29 19.73 22.38
N ALA C 209 5.45 20.66 23.32
CA ALA C 209 6.12 20.34 24.57
C ALA C 209 5.24 19.43 25.42
N PRO C 210 5.84 18.67 26.34
CA PRO C 210 5.02 17.85 27.26
C PRO C 210 4.03 18.66 28.07
N ASP C 211 4.38 19.90 28.42
CA ASP C 211 3.47 20.80 29.13
C ASP C 211 2.54 21.56 28.19
N THR C 212 2.67 21.36 26.88
CA THR C 212 1.71 21.86 25.88
C THR C 212 1.79 23.38 25.72
N ARG C 213 2.45 24.04 26.66
CA ARG C 213 2.55 25.50 26.65
C ARG C 213 3.44 26.05 25.54
N LEU C 214 4.50 25.33 25.17
CA LEU C 214 5.40 25.76 24.12
C LEU C 214 5.49 24.68 23.04
N PHE C 215 6.06 25.06 21.90
CA PHE C 215 6.36 24.10 20.85
C PHE C 215 7.47 24.66 19.97
N VAL C 216 8.12 23.78 19.24
CA VAL C 216 9.18 24.14 18.32
C VAL C 216 8.73 23.85 16.91
N SER C 217 9.41 24.46 15.94
CA SER C 217 9.09 24.26 14.53
C SER C 217 10.35 24.43 13.70
N GLY C 218 10.70 23.39 12.96
CA GLY C 218 11.84 23.44 12.06
C GLY C 218 11.38 23.68 10.63
N ALA C 219 12.00 24.65 9.98
CA ALA C 219 11.61 25.07 8.64
C ALA C 219 12.78 24.88 7.68
N CYS C 220 12.52 25.14 6.40
CA CYS C 220 13.50 24.91 5.35
C CYS C 220 14.66 25.90 5.37
N ASP C 221 14.59 26.97 6.16
CA ASP C 221 15.69 27.91 6.25
C ASP C 221 16.77 27.49 7.22
N ALA C 222 16.81 26.20 7.58
CA ALA C 222 17.82 25.65 8.49
C ALA C 222 17.80 26.35 9.85
N SER C 223 16.60 26.63 10.36
CA SER C 223 16.43 27.25 11.66
C SER C 223 15.27 26.61 12.40
N ALA C 224 15.42 26.52 13.72
CA ALA C 224 14.37 26.02 14.60
C ALA C 224 13.98 27.12 15.58
N LYS C 225 12.69 27.35 15.72
CA LYS C 225 12.16 28.46 16.51
C LYS C 225 11.30 27.92 17.64
N LEU C 226 11.49 28.46 18.84
CA LEU C 226 10.69 28.09 20.00
C LEU C 226 9.59 29.12 20.21
N TRP C 227 8.34 28.68 20.10
CA TRP C 227 7.18 29.55 20.14
C TRP C 227 6.49 29.48 21.49
N ASP C 228 5.63 30.45 21.74
CA ASP C 228 4.76 30.49 22.90
C ASP C 228 3.32 30.38 22.42
N VAL C 229 2.60 29.38 22.92
CA VAL C 229 1.22 29.17 22.48
C VAL C 229 0.32 30.29 22.99
N ARG C 230 0.53 30.72 24.24
CA ARG C 230 -0.33 31.75 24.82
C ARG C 230 -0.02 33.13 24.24
N GLU C 231 1.22 33.59 24.41
CA GLU C 231 1.58 34.93 23.96
C GLU C 231 1.57 35.03 22.45
N GLY C 232 2.09 34.03 21.76
CA GLY C 232 2.04 33.97 20.32
C GLY C 232 3.24 34.51 19.57
N MET C 233 4.37 34.71 20.23
CA MET C 233 5.57 35.23 19.59
C MET C 233 6.76 34.32 19.91
N CYS C 234 7.70 34.27 18.97
CA CYS C 234 8.88 33.43 19.14
C CYS C 234 9.72 33.91 20.31
N ARG C 235 10.31 32.95 21.03
CA ARG C 235 11.19 33.25 22.16
C ARG C 235 12.65 33.03 21.85
N GLN C 236 13.01 31.89 21.27
CA GLN C 236 14.39 31.52 21.03
C GLN C 236 14.53 30.96 19.63
N THR C 237 15.67 31.23 19.00
CA THR C 237 15.95 30.72 17.67
C THR C 237 17.23 29.90 17.71
N PHE C 238 17.21 28.74 17.07
CA PHE C 238 18.33 27.81 17.07
C PHE C 238 18.82 27.62 15.64
N THR C 239 20.11 27.78 15.43
CA THR C 239 20.75 27.57 14.13
C THR C 239 21.90 26.58 14.29
N GLY C 240 22.42 26.12 13.16
CA GLY C 240 23.51 25.16 13.17
C GLY C 240 23.40 24.13 12.07
N HIS C 241 22.21 23.99 11.50
CA HIS C 241 22.02 23.07 10.38
C HIS C 241 22.38 23.75 9.08
N GLU C 242 22.78 22.95 8.09
CA GLU C 242 23.19 23.45 6.79
C GLU C 242 22.17 23.14 5.70
N SER C 243 21.02 22.58 6.05
CA SER C 243 20.01 22.22 5.06
C SER C 243 18.64 22.29 5.71
N ASP C 244 17.61 21.91 4.96
CA ASP C 244 16.24 21.98 5.46
C ASP C 244 16.05 21.01 6.61
N ILE C 245 15.38 21.47 7.67
CA ILE C 245 15.05 20.63 8.81
C ILE C 245 13.76 19.89 8.48
N ASN C 246 13.84 18.56 8.42
CA ASN C 246 12.71 17.75 8.01
C ASN C 246 11.88 17.24 9.17
N ALA C 247 12.45 17.14 10.36
CA ALA C 247 11.74 16.60 11.52
C ALA C 247 12.27 17.22 12.79
N ILE C 248 11.39 17.29 13.79
CA ILE C 248 11.74 17.82 15.11
C ILE C 248 11.05 16.97 16.15
N CYS C 249 11.62 16.91 17.36
CA CYS C 249 11.03 16.14 18.44
C CYS C 249 11.57 16.64 19.77
N PHE C 250 10.67 16.86 20.71
CA PHE C 250 11.00 17.34 22.04
C PHE C 250 11.56 16.22 22.90
N PHE C 251 12.56 16.57 23.72
CA PHE C 251 13.06 15.65 24.72
C PHE C 251 11.95 15.37 25.74
N PRO C 252 11.92 14.16 26.32
CA PRO C 252 10.89 13.87 27.34
C PRO C 252 10.91 14.82 28.52
N ASN C 253 12.07 15.37 28.86
CA ASN C 253 12.14 16.37 29.93
C ASN C 253 11.40 17.64 29.54
N GLY C 254 11.37 17.95 28.25
CA GLY C 254 10.78 19.18 27.76
C GLY C 254 11.72 20.36 27.70
N ASN C 255 12.98 20.18 28.09
CA ASN C 255 13.98 21.25 28.05
C ASN C 255 15.02 21.04 26.96
N ALA C 256 14.75 20.16 26.00
CA ALA C 256 15.65 19.94 24.88
C ALA C 256 14.84 19.36 23.72
N PHE C 257 15.44 19.38 22.54
CA PHE C 257 14.80 18.79 21.37
C PHE C 257 15.86 18.41 20.35
N ALA C 258 15.47 17.54 19.42
CA ALA C 258 16.35 17.05 18.39
C ALA C 258 15.79 17.39 17.01
N THR C 259 16.69 17.69 16.08
CA THR C 259 16.31 18.08 14.73
C THR C 259 16.92 17.11 13.72
N GLY C 260 16.16 16.82 12.67
CA GLY C 260 16.64 16.00 11.58
C GLY C 260 16.60 16.75 10.27
N SER C 261 17.77 17.03 9.71
CA SER C 261 17.87 17.87 8.52
C SER C 261 18.19 17.03 7.29
N ASP C 262 18.41 17.72 6.17
CA ASP C 262 18.67 17.06 4.90
C ASP C 262 20.15 16.78 4.65
N ASP C 263 21.05 17.23 5.53
CA ASP C 263 22.47 16.95 5.39
C ASP C 263 22.90 15.69 6.14
N ALA C 264 21.98 14.74 6.32
CA ALA C 264 22.27 13.44 6.93
C ALA C 264 22.89 13.58 8.32
N THR C 265 22.37 14.50 9.13
CA THR C 265 22.87 14.69 10.48
C THR C 265 21.72 15.08 11.40
N CYS C 266 21.91 14.82 12.69
CA CYS C 266 20.96 15.17 13.73
C CYS C 266 21.63 16.08 14.74
N ARG C 267 20.83 16.89 15.42
CA ARG C 267 21.34 17.86 16.37
C ARG C 267 20.42 17.96 17.57
N LEU C 268 21.01 18.04 18.76
CA LEU C 268 20.28 18.14 20.02
C LEU C 268 20.51 19.54 20.59
N PHE C 269 19.45 20.34 20.65
CA PHE C 269 19.52 21.70 21.16
C PHE C 269 18.91 21.75 22.55
N ASP C 270 19.49 22.60 23.41
CA ASP C 270 19.03 22.77 24.78
C ASP C 270 18.30 24.10 24.90
N LEU C 271 17.10 24.05 25.48
CA LEU C 271 16.29 25.27 25.59
C LEU C 271 16.91 26.27 26.57
N ARG C 272 17.38 25.77 27.73
CA ARG C 272 17.92 26.68 28.73
C ARG C 272 19.29 27.21 28.33
N ALA C 273 20.12 26.36 27.72
CA ALA C 273 21.44 26.81 27.28
C ALA C 273 21.38 27.61 26.00
N ASP C 274 20.29 27.49 25.24
CA ASP C 274 20.08 28.26 24.01
C ASP C 274 21.20 28.03 22.99
N GLN C 275 21.69 26.79 22.91
CA GLN C 275 22.75 26.50 21.96
C GLN C 275 22.81 25.00 21.70
N GLU C 276 23.51 24.65 20.62
CA GLU C 276 23.72 23.25 20.26
C GLU C 276 24.47 22.52 21.36
N LEU C 277 24.10 21.25 21.58
CA LEU C 277 24.77 20.42 22.58
C LEU C 277 25.57 19.29 21.95
N MET C 278 24.95 18.50 21.07
CA MET C 278 25.62 17.38 20.45
C MET C 278 25.10 17.19 19.02
N THR C 279 25.88 16.47 18.23
CA THR C 279 25.52 16.16 16.86
C THR C 279 25.64 14.66 16.63
N TYR C 280 24.82 14.13 15.74
CA TYR C 280 24.73 12.70 15.46
C TYR C 280 24.95 12.50 13.96
N SER C 281 26.22 12.36 13.56
CA SER C 281 26.58 12.23 12.16
C SER C 281 27.55 11.08 11.99
N HIS C 282 27.51 10.49 10.79
CA HIS C 282 28.40 9.39 10.44
C HIS C 282 28.77 9.53 8.96
N ASP C 283 30.03 9.26 8.64
CA ASP C 283 30.48 9.36 7.26
C ASP C 283 29.82 8.32 6.36
N ASN C 284 29.31 7.23 6.94
CA ASN C 284 28.62 6.22 6.15
C ASN C 284 27.30 6.75 5.60
N ILE C 285 26.51 7.44 6.41
CA ILE C 285 25.20 7.93 6.02
C ILE C 285 25.35 9.27 5.31
N ILE C 286 24.79 9.36 4.10
CA ILE C 286 24.81 10.59 3.33
C ILE C 286 23.38 10.97 2.99
N CYS C 287 22.43 10.15 3.42
CA CYS C 287 21.02 10.35 3.16
C CYS C 287 20.38 11.10 4.31
N GLY C 288 19.54 12.09 3.97
CA GLY C 288 18.95 12.94 4.99
C GLY C 288 17.94 12.20 5.85
N ILE C 289 17.62 12.80 6.99
CA ILE C 289 16.68 12.23 7.95
C ILE C 289 15.28 12.72 7.62
N THR C 290 14.33 11.79 7.58
CA THR C 290 12.94 12.11 7.32
C THR C 290 12.09 12.21 8.57
N SER C 291 12.49 11.57 9.67
CA SER C 291 11.72 11.60 10.90
C SER C 291 12.61 11.20 12.07
N VAL C 292 12.43 11.88 13.20
CA VAL C 292 13.15 11.58 14.42
C VAL C 292 12.15 11.31 15.54
N SER C 293 12.62 10.61 16.56
CA SER C 293 11.80 10.30 17.72
C SER C 293 12.69 9.87 18.87
N PHE C 294 12.27 10.18 20.09
CA PHE C 294 12.98 9.79 21.30
C PHE C 294 12.32 8.57 21.92
N SER C 295 13.08 7.88 22.78
CA SER C 295 12.53 6.82 23.59
C SER C 295 11.84 7.42 24.81
N LYS C 296 11.23 6.56 25.63
CA LYS C 296 10.51 7.05 26.80
C LYS C 296 11.45 7.70 27.81
N SER C 297 12.61 7.09 28.03
CA SER C 297 13.58 7.64 28.97
C SER C 297 14.42 8.76 28.37
N GLY C 298 14.41 8.92 27.05
CA GLY C 298 15.21 9.92 26.40
C GLY C 298 16.64 9.54 26.13
N ARG C 299 17.05 8.31 26.46
CA ARG C 299 18.42 7.88 26.23
C ARG C 299 18.67 7.56 24.76
N LEU C 300 17.67 7.02 24.06
CA LEU C 300 17.80 6.64 22.66
C LEU C 300 17.13 7.69 21.79
N LEU C 301 17.76 8.00 20.66
CA LEU C 301 17.20 8.91 19.66
C LEU C 301 17.09 8.14 18.35
N LEU C 302 15.87 7.81 17.96
CA LEU C 302 15.61 7.05 16.75
C LEU C 302 15.35 8.01 15.59
N ALA C 303 16.06 7.80 14.48
CA ALA C 303 15.94 8.65 13.31
C ALA C 303 15.77 7.80 12.07
N GLY C 304 14.83 8.19 11.21
CA GLY C 304 14.58 7.51 9.95
C GLY C 304 15.30 8.21 8.83
N TYR C 305 15.93 7.41 7.96
CA TYR C 305 16.79 7.92 6.90
C TYR C 305 16.21 7.59 5.53
N ASP C 306 16.77 8.27 4.52
CA ASP C 306 16.36 8.07 3.13
C ASP C 306 16.92 6.79 2.52
N ASP C 307 17.93 6.18 3.13
CA ASP C 307 18.55 4.97 2.62
C ASP C 307 17.89 3.69 3.15
N PHE C 308 16.60 3.77 3.50
CA PHE C 308 15.69 2.67 3.75
C PHE C 308 15.83 2.03 5.13
N ASN C 309 16.71 2.52 5.99
CA ASN C 309 16.88 1.94 7.31
C ASN C 309 16.63 2.99 8.38
N CYS C 310 16.06 2.57 9.51
CA CYS C 310 15.94 3.45 10.66
C CYS C 310 17.15 3.25 11.57
N ASN C 311 17.55 4.31 12.26
CA ASN C 311 18.76 4.30 13.06
C ASN C 311 18.44 4.58 14.52
N VAL C 312 19.25 4.01 15.41
CA VAL C 312 19.14 4.23 16.84
C VAL C 312 20.44 4.87 17.32
N TRP C 313 20.34 6.08 17.85
CA TRP C 313 21.48 6.83 18.36
C TRP C 313 21.39 6.94 19.87
N ASP C 314 22.55 6.89 20.53
CA ASP C 314 22.62 7.10 21.96
C ASP C 314 22.73 8.60 22.22
N ALA C 315 21.64 9.21 22.68
CA ALA C 315 21.57 10.67 22.75
C ALA C 315 22.58 11.25 23.73
N LEU C 316 23.11 10.44 24.63
CA LEU C 316 24.06 10.97 25.61
C LEU C 316 25.51 10.82 25.16
N LYS C 317 25.79 9.88 24.25
CA LYS C 317 27.13 9.63 23.78
C LYS C 317 27.31 9.85 22.28
N ALA C 318 26.21 10.13 21.56
CA ALA C 318 26.27 10.37 20.11
C ALA C 318 26.91 9.20 19.37
N ASP C 319 26.57 7.99 19.80
CA ASP C 319 27.10 6.77 19.20
C ASP C 319 25.96 5.91 18.67
N ARG C 320 26.20 5.28 17.51
CA ARG C 320 25.22 4.38 16.93
C ARG C 320 24.98 3.21 17.87
N ALA C 321 23.73 2.76 17.95
CA ALA C 321 23.37 1.65 18.84
C ALA C 321 22.61 0.53 18.15
N GLY C 322 22.11 0.74 16.94
CA GLY C 322 21.37 -0.30 16.26
C GLY C 322 20.79 0.22 14.97
N VAL C 323 20.25 -0.71 14.18
CA VAL C 323 19.65 -0.41 12.89
C VAL C 323 18.33 -1.15 12.79
N LEU C 324 17.27 -0.41 12.45
CA LEU C 324 15.95 -1.02 12.21
C LEU C 324 15.77 -1.15 10.71
N ALA C 325 16.44 -2.14 10.13
CA ALA C 325 16.43 -2.36 8.68
C ALA C 325 15.40 -3.44 8.37
N GLY C 326 14.20 -3.00 8.00
CA GLY C 326 13.15 -3.91 7.61
C GLY C 326 12.28 -3.37 6.49
N HIS C 327 12.67 -2.25 5.91
CA HIS C 327 11.88 -1.57 4.89
C HIS C 327 12.61 -1.58 3.56
N ASP C 328 11.83 -1.60 2.48
CA ASP C 328 12.35 -1.63 1.12
C ASP C 328 12.54 -0.23 0.55
N ASN C 329 11.75 0.75 1.00
CA ASN C 329 11.79 2.09 0.43
C ASN C 329 12.10 3.09 1.54
N ARG C 330 12.02 4.37 1.20
CA ARG C 330 12.36 5.43 2.14
C ARG C 330 11.43 5.41 3.35
N VAL C 331 12.02 5.51 4.54
CA VAL C 331 11.24 5.58 5.78
C VAL C 331 10.74 7.01 5.93
N SER C 332 9.42 7.18 5.99
CA SER C 332 8.84 8.51 6.03
C SER C 332 8.37 8.94 7.41
N CYS C 333 7.91 8.00 8.24
CA CYS C 333 7.36 8.35 9.54
C CYS C 333 7.93 7.43 10.61
N LEU C 334 7.92 7.93 11.84
CA LEU C 334 8.46 7.22 12.99
C LEU C 334 7.63 7.60 14.21
N GLY C 335 7.46 6.64 15.12
CA GLY C 335 6.69 6.89 16.32
C GLY C 335 7.08 5.93 17.42
N VAL C 336 6.97 6.41 18.66
CA VAL C 336 7.23 5.61 19.85
C VAL C 336 6.02 5.76 20.78
N THR C 337 5.56 4.63 21.32
CA THR C 337 4.39 4.63 22.19
C THR C 337 4.65 5.45 23.44
N ASP C 338 3.58 6.08 23.95
CA ASP C 338 3.68 6.79 25.22
C ASP C 338 4.02 5.85 26.36
N ASP C 339 3.61 4.58 26.25
CA ASP C 339 4.08 3.55 27.16
C ASP C 339 5.56 3.26 26.96
N GLY C 340 6.04 3.32 25.72
CA GLY C 340 7.45 3.16 25.44
C GLY C 340 7.90 1.74 25.15
N MET C 341 6.97 0.83 24.89
CA MET C 341 7.33 -0.57 24.66
C MET C 341 7.36 -0.96 23.20
N ALA C 342 7.18 -0.01 22.28
CA ALA C 342 7.18 -0.36 20.86
C ALA C 342 7.57 0.87 20.04
N VAL C 343 8.07 0.59 18.84
CA VAL C 343 8.39 1.61 17.84
C VAL C 343 7.74 1.18 16.53
N ALA C 344 6.92 2.07 15.97
CA ALA C 344 6.25 1.80 14.70
C ALA C 344 6.90 2.64 13.61
N THR C 345 7.23 1.99 12.50
CA THR C 345 7.99 2.61 11.42
C THR C 345 7.26 2.39 10.11
N GLY C 346 6.68 3.45 9.55
CA GLY C 346 6.13 3.43 8.23
C GLY C 346 7.16 3.86 7.21
N SER C 347 6.87 3.57 5.95
CA SER C 347 7.79 3.89 4.86
C SER C 347 7.01 3.97 3.56
N TRP C 348 7.72 4.24 2.47
CA TRP C 348 7.09 4.42 1.17
C TRP C 348 6.72 3.11 0.49
N ASP C 349 7.09 1.96 1.06
CA ASP C 349 6.67 0.67 0.52
C ASP C 349 5.29 0.26 1.01
N SER C 350 4.58 1.15 1.69
CA SER C 350 3.20 0.93 2.12
C SER C 350 3.07 -0.13 3.21
N PHE C 351 4.03 -0.19 4.13
CA PHE C 351 3.99 -1.13 5.24
C PHE C 351 4.42 -0.44 6.52
N LEU C 352 3.76 -0.80 7.62
CA LEU C 352 4.11 -0.35 8.96
C LEU C 352 4.63 -1.54 9.75
N LYS C 353 5.67 -1.31 10.55
CA LYS C 353 6.31 -2.38 11.31
C LYS C 353 6.45 -1.95 12.76
N ILE C 354 5.97 -2.78 13.68
CA ILE C 354 6.09 -2.55 15.11
C ILE C 354 7.31 -3.32 15.61
N TRP C 355 8.24 -2.62 16.23
CA TRP C 355 9.53 -3.18 16.61
C TRP C 355 9.60 -3.35 18.12
N ASN C 356 10.02 -4.53 18.56
CA ASN C 356 10.20 -4.85 19.98
C ASN C 356 8.93 -4.62 20.80
N SER D 7 9.74 48.12 3.94
CA SER D 7 11.18 47.89 3.95
C SER D 7 11.79 48.25 5.30
N ILE D 8 11.66 49.53 5.68
CA ILE D 8 12.20 49.98 6.95
C ILE D 8 11.43 49.34 8.12
N ALA D 9 10.11 49.19 7.97
CA ALA D 9 9.33 48.58 9.04
C ALA D 9 9.72 47.13 9.26
N GLN D 10 9.94 46.38 8.17
CA GLN D 10 10.35 44.98 8.29
C GLN D 10 11.70 44.86 8.98
N ALA D 11 12.65 45.72 8.60
CA ALA D 11 13.97 45.71 9.26
C ALA D 11 13.86 46.09 10.72
N ARG D 12 13.01 47.08 11.03
CA ARG D 12 12.82 47.46 12.43
C ARG D 12 12.18 46.33 13.24
N LYS D 13 11.21 45.63 12.66
CA LYS D 13 10.59 44.51 13.35
C LYS D 13 11.59 43.39 13.60
N LEU D 14 12.44 43.10 12.63
CA LEU D 14 13.46 42.06 12.81
C LEU D 14 14.43 42.43 13.93
N VAL D 15 14.84 43.69 13.99
CA VAL D 15 15.72 44.14 15.07
C VAL D 15 15.00 44.09 16.40
N GLU D 16 13.72 44.48 16.42
CA GLU D 16 12.96 44.48 17.66
C GLU D 16 12.82 43.06 18.22
N GLN D 17 12.55 42.08 17.36
CA GLN D 17 12.45 40.70 17.82
C GLN D 17 13.81 40.14 18.22
N LEU D 18 14.86 40.50 17.48
CA LEU D 18 16.19 39.99 17.80
C LEU D 18 16.69 40.47 19.15
N LYS D 19 16.25 41.66 19.58
CA LYS D 19 16.64 42.16 20.89
C LYS D 19 16.04 41.30 22.00
N MET D 20 14.79 40.88 21.84
CA MET D 20 14.15 40.05 22.86
C MET D 20 14.86 38.71 23.02
N GLU D 21 15.27 38.10 21.90
CA GLU D 21 16.00 36.84 21.97
C GLU D 21 17.39 37.04 22.57
N ALA D 22 17.95 38.25 22.43
CA ALA D 22 19.24 38.54 23.03
C ALA D 22 19.12 38.73 24.54
N ASN D 23 18.07 39.39 24.99
CA ASN D 23 17.84 39.63 26.42
C ASN D 23 17.06 38.46 27.01
N ILE D 24 17.74 37.32 27.10
CA ILE D 24 17.18 36.11 27.68
C ILE D 24 18.16 35.55 28.71
N ASP D 25 17.64 34.73 29.61
CA ASP D 25 18.43 34.12 30.66
C ASP D 25 19.00 32.80 30.17
N ARG D 26 20.31 32.63 30.27
CA ARG D 26 20.99 31.43 29.82
C ARG D 26 21.73 30.76 30.96
N ILE D 27 21.85 29.44 30.88
CA ILE D 27 22.56 28.64 31.86
C ILE D 27 23.75 27.99 31.18
N LYS D 28 24.79 27.70 31.97
CA LYS D 28 25.96 27.05 31.42
C LYS D 28 25.63 25.65 30.92
N VAL D 29 26.39 25.20 29.91
CA VAL D 29 26.15 23.88 29.34
C VAL D 29 26.34 22.78 30.38
N SER D 30 27.33 22.95 31.26
CA SER D 30 27.57 21.96 32.30
C SER D 30 26.35 21.74 33.19
N LYS D 31 25.64 22.82 33.51
CA LYS D 31 24.42 22.66 34.30
C LYS D 31 23.28 22.09 33.45
N ALA D 32 23.16 22.55 32.20
CA ALA D 32 22.10 22.05 31.33
C ALA D 32 22.32 20.60 30.96
N ALA D 33 23.56 20.21 30.69
CA ALA D 33 23.84 18.83 30.30
C ALA D 33 23.69 17.87 31.48
N ALA D 34 23.85 18.37 32.70
CA ALA D 34 23.71 17.51 33.88
C ALA D 34 22.29 16.97 34.02
N ASP D 35 21.30 17.82 33.74
CA ASP D 35 19.91 17.40 33.88
C ASP D 35 19.56 16.30 32.88
N LEU D 36 20.04 16.42 31.64
CA LEU D 36 19.75 15.40 30.64
C LEU D 36 20.38 14.06 31.03
N MET D 37 21.60 14.09 31.56
CA MET D 37 22.20 12.87 32.08
C MET D 37 21.44 12.35 33.30
N ALA D 38 21.00 13.26 34.18
CA ALA D 38 20.25 12.85 35.35
C ALA D 38 18.88 12.30 34.98
N TYR D 39 18.18 12.96 34.06
CA TYR D 39 16.86 12.49 33.65
C TYR D 39 16.95 11.13 32.97
N CYS D 40 17.96 10.93 32.12
CA CYS D 40 18.11 9.65 31.43
C CYS D 40 18.37 8.52 32.43
N GLU D 41 19.15 8.80 33.47
CA GLU D 41 19.42 7.79 34.48
C GLU D 41 18.24 7.58 35.41
N ALA D 42 17.50 8.64 35.73
CA ALA D 42 16.40 8.53 36.69
C ALA D 42 15.28 7.64 36.19
N HIS D 43 15.07 7.60 34.86
CA HIS D 43 14.03 6.78 34.26
C HIS D 43 14.60 5.66 33.40
N ALA D 44 15.81 5.20 33.73
CA ALA D 44 16.43 4.12 32.96
C ALA D 44 15.65 2.82 33.06
N LYS D 45 15.15 2.49 34.26
CA LYS D 45 14.42 1.25 34.47
C LYS D 45 13.03 1.26 33.83
N GLU D 46 12.50 2.43 33.49
CA GLU D 46 11.19 2.54 32.87
C GLU D 46 11.26 2.68 31.35
N ASP D 47 12.33 2.21 30.73
CA ASP D 47 12.49 2.26 29.28
C ASP D 47 12.51 0.85 28.72
N PRO D 48 11.40 0.34 28.20
CA PRO D 48 11.41 -1.02 27.61
C PRO D 48 12.38 -1.17 26.46
N LEU D 49 12.58 -0.11 25.66
CA LEU D 49 13.51 -0.21 24.53
C LEU D 49 14.95 -0.31 25.01
N LEU D 50 15.34 0.52 25.99
CA LEU D 50 16.69 0.44 26.52
C LEU D 50 16.93 -0.87 27.26
N THR D 51 16.03 -1.22 28.17
CA THR D 51 16.11 -2.47 28.91
C THR D 51 14.92 -3.35 28.55
N PRO D 52 15.09 -4.37 27.71
CA PRO D 52 13.94 -5.19 27.33
C PRO D 52 13.32 -5.87 28.54
N VAL D 53 11.99 -5.96 28.52
CA VAL D 53 11.23 -6.59 29.60
C VAL D 53 11.00 -8.06 29.23
N PRO D 54 10.66 -8.92 30.19
CA PRO D 54 10.42 -10.34 29.84
C PRO D 54 9.28 -10.48 28.85
N ALA D 55 9.37 -11.55 28.05
CA ALA D 55 8.39 -11.77 26.99
C ALA D 55 6.97 -11.88 27.52
N SER D 56 6.81 -12.31 28.77
CA SER D 56 5.49 -12.39 29.36
C SER D 56 4.84 -11.02 29.53
N GLU D 57 5.63 -9.96 29.47
CA GLU D 57 5.12 -8.60 29.61
C GLU D 57 4.95 -7.89 28.27
N ASN D 58 5.66 -8.32 27.23
CA ASN D 58 5.49 -7.72 25.91
C ASN D 58 4.06 -7.93 25.42
N PRO D 59 3.32 -6.87 25.09
CA PRO D 59 1.99 -7.05 24.50
C PRO D 59 2.03 -7.49 23.05
N PHE D 60 3.17 -7.39 22.38
CA PHE D 60 3.27 -7.72 20.97
C PHE D 60 3.90 -9.07 20.69
N ARG D 61 4.75 -9.57 21.59
CA ARG D 61 5.37 -10.87 21.38
C ARG D 61 4.34 -11.99 21.40
N GLU D 62 3.40 -11.92 22.34
CA GLU D 62 2.34 -12.92 22.47
C GLU D 62 1.17 -12.40 23.28
N VAL E 5 -33.42 5.54 15.09
CA VAL E 5 -34.53 4.77 15.62
C VAL E 5 -34.84 3.58 14.72
N GLU E 6 -35.63 2.65 15.23
CA GLU E 6 -36.01 1.46 14.48
C GLU E 6 -37.30 0.89 15.06
N SER E 7 -38.17 0.41 14.17
CA SER E 7 -39.49 -0.05 14.57
C SER E 7 -40.04 -0.98 13.49
N GLY E 8 -41.16 -1.64 13.81
CA GLY E 8 -41.82 -2.53 12.88
C GLY E 8 -42.00 -3.94 13.43
N GLY E 9 -43.06 -4.63 13.03
CA GLY E 9 -43.30 -5.97 13.52
C GLY E 9 -44.64 -6.51 13.05
N GLY E 10 -45.05 -7.61 13.67
CA GLY E 10 -46.24 -8.33 13.29
C GLY E 10 -47.31 -8.30 14.37
N LEU E 11 -48.27 -9.22 14.25
CA LEU E 11 -49.48 -9.23 15.07
C LEU E 11 -49.78 -10.65 15.50
N VAL E 12 -51.00 -10.85 15.99
CA VAL E 12 -51.48 -12.14 16.50
C VAL E 12 -51.85 -13.06 15.35
N GLN E 13 -51.58 -14.35 15.52
CA GLN E 13 -52.01 -15.38 14.58
C GLN E 13 -52.18 -16.69 15.33
N PRO E 14 -53.07 -17.56 14.86
CA PRO E 14 -53.23 -18.87 15.51
C PRO E 14 -52.21 -19.90 15.02
N GLY E 15 -51.23 -20.23 15.86
CA GLY E 15 -50.29 -21.31 15.63
C GLY E 15 -49.69 -21.43 14.24
N GLY E 16 -49.60 -20.32 13.51
CA GLY E 16 -49.15 -20.37 12.13
C GLY E 16 -47.73 -19.88 11.92
N SER E 17 -47.56 -18.98 10.95
CA SER E 17 -46.26 -18.42 10.62
C SER E 17 -46.39 -16.92 10.42
N ARG E 18 -45.28 -16.21 10.63
CA ARG E 18 -45.26 -14.76 10.49
C ARG E 18 -43.83 -14.31 10.26
N LYS E 19 -43.69 -13.12 9.69
CA LYS E 19 -42.39 -12.53 9.41
C LYS E 19 -42.29 -11.17 10.09
N LEU E 20 -41.23 -10.97 10.87
CA LEU E 20 -41.01 -9.72 11.55
C LEU E 20 -40.04 -8.84 10.75
N SER E 21 -40.23 -7.52 10.88
CA SER E 21 -39.44 -6.56 10.13
C SER E 21 -38.96 -5.47 11.07
N CYS E 22 -37.82 -4.87 10.73
CA CYS E 22 -37.28 -3.72 11.44
C CYS E 22 -36.80 -2.70 10.43
N SER E 23 -37.12 -1.43 10.67
CA SER E 23 -36.81 -0.34 9.74
C SER E 23 -35.77 0.57 10.40
N ALA E 24 -34.51 0.41 10.00
CA ALA E 24 -33.45 1.28 10.48
C ALA E 24 -33.64 2.70 9.95
N SER E 25 -33.12 3.68 10.68
CA SER E 25 -33.31 5.08 10.31
C SER E 25 -32.11 5.89 10.78
N GLY E 26 -31.21 6.20 9.85
CA GLY E 26 -30.15 7.18 10.08
C GLY E 26 -29.07 6.83 11.07
N PHE E 27 -28.50 5.62 10.99
CA PHE E 27 -27.32 5.32 11.78
C PHE E 27 -26.31 4.45 11.03
N ALA E 28 -26.29 4.50 9.70
CA ALA E 28 -25.39 3.68 8.88
C ALA E 28 -25.62 2.19 9.16
N PHE E 29 -26.83 1.74 8.80
CA PHE E 29 -27.27 0.38 9.15
C PHE E 29 -26.35 -0.70 8.59
N SER E 30 -25.68 -0.42 7.47
CA SER E 30 -24.89 -1.46 6.80
C SER E 30 -23.72 -1.97 7.64
N SER E 31 -23.23 -1.16 8.59
CA SER E 31 -22.06 -1.52 9.37
C SER E 31 -22.39 -1.95 10.79
N PHE E 32 -23.64 -2.31 11.07
CA PHE E 32 -24.08 -2.69 12.41
C PHE E 32 -24.62 -4.11 12.39
N GLY E 33 -24.12 -4.95 13.30
CA GLY E 33 -24.71 -6.25 13.52
C GLY E 33 -25.97 -6.15 14.36
N MET E 34 -26.99 -6.90 13.97
CA MET E 34 -28.31 -6.74 14.56
C MET E 34 -28.77 -8.05 15.20
N HIS E 35 -29.35 -7.93 16.39
CA HIS E 35 -29.88 -9.05 17.15
C HIS E 35 -31.41 -8.97 17.17
N TRP E 36 -32.02 -9.98 17.79
CA TRP E 36 -33.48 -10.06 17.91
C TRP E 36 -33.88 -10.51 19.30
N VAL E 37 -33.30 -9.87 20.32
CA VAL E 37 -33.64 -10.18 21.71
C VAL E 37 -35.14 -10.05 21.92
N ARG E 38 -35.72 -11.02 22.62
CA ARG E 38 -37.16 -11.06 22.86
C ARG E 38 -37.43 -11.12 24.35
N GLN E 39 -38.63 -10.67 24.73
CA GLN E 39 -39.03 -10.67 26.13
C GLN E 39 -40.44 -11.21 26.26
N ALA E 40 -40.60 -12.24 27.10
CA ALA E 40 -41.90 -12.85 27.34
C ALA E 40 -42.78 -11.88 28.13
N PRO E 41 -44.11 -12.11 28.15
CA PRO E 41 -45.02 -11.16 28.79
C PRO E 41 -44.65 -10.80 30.23
N GLU E 42 -44.19 -11.77 31.04
CA GLU E 42 -43.75 -11.46 32.39
C GLU E 42 -42.48 -12.18 32.81
N LYS E 43 -41.82 -12.89 31.91
CA LYS E 43 -40.49 -13.43 32.15
C LYS E 43 -39.45 -12.35 31.87
N GLY E 44 -38.18 -12.75 31.83
CA GLY E 44 -37.09 -11.85 31.48
C GLY E 44 -36.76 -11.91 30.01
N LEU E 45 -35.71 -11.17 29.64
CA LEU E 45 -35.26 -11.11 28.26
C LEU E 45 -34.59 -12.43 27.86
N GLU E 46 -34.67 -12.74 26.57
CA GLU E 46 -34.06 -13.95 26.04
C GLU E 46 -33.60 -13.71 24.62
N TRP E 47 -32.34 -14.06 24.33
CA TRP E 47 -31.77 -13.86 23.01
C TRP E 47 -32.34 -14.87 22.01
N VAL E 48 -32.41 -14.46 20.75
CA VAL E 48 -33.03 -15.28 19.71
C VAL E 48 -32.05 -15.58 18.58
N ALA E 49 -31.56 -14.54 17.92
CA ALA E 49 -30.73 -14.72 16.74
C ALA E 49 -29.78 -13.56 16.57
N TYR E 50 -28.92 -13.66 15.56
CA TYR E 50 -27.91 -12.65 15.29
C TYR E 50 -27.46 -12.76 13.85
N ILE E 51 -27.26 -11.62 13.20
CA ILE E 51 -26.67 -11.56 11.87
C ILE E 51 -25.64 -10.43 11.86
N SER E 52 -24.43 -10.74 11.40
CA SER E 52 -23.34 -9.78 11.47
C SER E 52 -23.44 -8.77 10.34
N SER E 53 -22.49 -7.84 10.30
CA SER E 53 -22.41 -6.88 9.21
C SER E 53 -22.00 -7.59 7.94
N GLY E 54 -22.69 -7.27 6.84
CA GLY E 54 -22.44 -7.95 5.58
C GLY E 54 -23.03 -9.34 5.47
N SER E 55 -23.91 -9.71 6.39
CA SER E 55 -24.58 -11.02 6.38
C SER E 55 -23.56 -12.16 6.39
N GLY E 56 -22.66 -12.12 7.38
CA GLY E 56 -21.64 -13.13 7.50
C GLY E 56 -22.03 -14.22 8.47
N THR E 57 -21.43 -14.22 9.66
CA THR E 57 -21.78 -15.20 10.68
C THR E 57 -23.21 -14.98 11.15
N ILE E 58 -23.96 -16.09 11.26
CA ILE E 58 -25.35 -16.06 11.69
C ILE E 58 -25.52 -17.09 12.80
N TYR E 59 -26.12 -16.68 13.91
CA TYR E 59 -26.33 -17.55 15.05
C TYR E 59 -27.80 -17.57 15.43
N TYR E 60 -28.23 -18.68 16.04
CA TYR E 60 -29.60 -18.85 16.47
C TYR E 60 -29.62 -19.44 17.87
N ALA E 61 -30.72 -19.18 18.58
CA ALA E 61 -30.91 -19.77 19.90
C ALA E 61 -31.17 -21.27 19.77
N ASP E 62 -30.90 -21.99 20.85
CA ASP E 62 -31.08 -23.44 20.83
C ASP E 62 -32.53 -23.84 20.69
N THR E 63 -33.46 -22.97 21.09
CA THR E 63 -34.89 -23.26 21.02
C THR E 63 -35.51 -22.80 19.70
N VAL E 64 -34.80 -22.04 18.89
CA VAL E 64 -35.33 -21.54 17.62
C VAL E 64 -34.33 -21.82 16.50
N LYS E 65 -33.52 -22.87 16.69
CA LYS E 65 -32.40 -23.11 15.77
C LYS E 65 -32.88 -23.39 14.35
N GLY E 66 -33.93 -24.20 14.20
CA GLY E 66 -34.35 -24.60 12.88
C GLY E 66 -35.58 -23.88 12.36
N ARG E 67 -36.48 -23.48 13.27
CA ARG E 67 -37.74 -22.88 12.84
C ARG E 67 -37.56 -21.44 12.36
N PHE E 68 -36.70 -20.67 13.01
CA PHE E 68 -36.56 -19.25 12.70
C PHE E 68 -35.45 -19.02 11.68
N THR E 69 -35.56 -17.93 10.94
CA THR E 69 -34.57 -17.53 9.96
C THR E 69 -34.44 -16.02 9.99
N ILE E 70 -33.23 -15.52 10.18
CA ILE E 70 -32.95 -14.09 10.27
C ILE E 70 -32.21 -13.66 9.00
N SER E 71 -32.69 -12.58 8.39
CA SER E 71 -32.09 -12.05 7.17
C SER E 71 -32.13 -10.53 7.23
N ARG E 72 -31.21 -9.90 6.52
CA ARG E 72 -31.11 -8.45 6.49
C ARG E 72 -31.05 -7.95 5.06
N ASP E 73 -31.49 -6.71 4.86
CA ASP E 73 -31.44 -6.04 3.57
C ASP E 73 -30.74 -4.71 3.79
N ASP E 74 -29.45 -4.65 3.47
CA ASP E 74 -28.70 -3.40 3.63
C ASP E 74 -29.29 -2.26 2.80
N PRO E 75 -29.65 -2.45 1.53
CA PRO E 75 -30.50 -1.45 0.87
C PRO E 75 -31.87 -1.39 1.54
N LYS E 76 -32.44 -0.19 1.56
CA LYS E 76 -33.72 0.13 2.18
C LYS E 76 -33.66 0.05 3.71
N ASN E 77 -32.54 -0.36 4.29
CA ASN E 77 -32.31 -0.34 5.74
C ASN E 77 -33.43 -1.10 6.48
N THR E 78 -33.54 -2.38 6.18
CA THR E 78 -34.58 -3.22 6.75
C THR E 78 -33.99 -4.56 7.18
N LEU E 79 -34.37 -5.00 8.38
CA LEU E 79 -33.97 -6.29 8.93
C LEU E 79 -35.19 -7.18 9.06
N PHE E 80 -35.02 -8.46 8.73
CA PHE E 80 -36.11 -9.42 8.69
C PHE E 80 -35.91 -10.54 9.70
N LEU E 81 -37.02 -11.16 10.11
CA LEU E 81 -37.01 -12.38 10.89
C LEU E 81 -38.18 -13.24 10.44
N GLN E 82 -37.89 -14.42 9.92
CA GLN E 82 -38.91 -15.33 9.42
C GLN E 82 -39.21 -16.38 10.48
N MET E 83 -40.46 -16.42 10.94
CA MET E 83 -40.91 -17.38 11.94
C MET E 83 -41.86 -18.36 11.27
N THR E 84 -41.46 -19.63 11.18
CA THR E 84 -42.24 -20.64 10.46
C THR E 84 -43.15 -21.43 11.39
N SER E 85 -42.56 -22.13 12.36
CA SER E 85 -43.31 -22.98 13.28
C SER E 85 -43.40 -22.26 14.62
N LEU E 86 -44.50 -21.57 14.86
CA LEU E 86 -44.70 -20.77 16.05
C LEU E 86 -45.53 -21.56 17.05
N ARG E 87 -44.92 -21.91 18.18
CA ARG E 87 -45.56 -22.68 19.23
C ARG E 87 -46.18 -21.73 20.25
N SER E 88 -46.61 -22.29 21.39
CA SER E 88 -47.16 -21.50 22.47
C SER E 88 -46.09 -21.02 23.45
N GLU E 89 -44.85 -21.46 23.27
CA GLU E 89 -43.74 -21.04 24.12
C GLU E 89 -43.04 -19.79 23.62
N ASP E 90 -43.37 -19.31 22.42
CA ASP E 90 -42.66 -18.19 21.81
C ASP E 90 -43.53 -16.96 21.60
N THR E 91 -44.58 -16.79 22.41
CA THR E 91 -45.35 -15.55 22.40
C THR E 91 -44.64 -14.54 23.31
N ALA E 92 -44.15 -13.45 22.72
CA ALA E 92 -43.29 -12.52 23.44
C ALA E 92 -43.22 -11.20 22.67
N MET E 93 -42.59 -10.21 23.29
CA MET E 93 -42.31 -8.93 22.66
C MET E 93 -40.91 -8.99 22.06
N TYR E 94 -40.83 -8.90 20.73
CA TYR E 94 -39.57 -9.04 20.03
C TYR E 94 -38.92 -7.67 19.84
N TYR E 95 -37.76 -7.49 20.47
CA TYR E 95 -36.97 -6.27 20.34
C TYR E 95 -35.90 -6.46 19.28
N CYS E 96 -35.53 -5.35 18.64
CA CYS E 96 -34.44 -5.34 17.67
C CYS E 96 -33.29 -4.52 18.23
N VAL E 97 -32.11 -5.10 18.26
CA VAL E 97 -30.94 -4.50 18.90
C VAL E 97 -29.82 -4.36 17.88
N ARG E 98 -29.26 -3.17 17.78
CA ARG E 98 -28.08 -2.92 16.97
C ARG E 98 -26.83 -3.10 17.82
N SER E 99 -25.73 -3.45 17.16
CA SER E 99 -24.46 -3.65 17.86
C SER E 99 -23.33 -3.66 16.85
N ILE E 100 -22.26 -2.94 17.15
CA ILE E 100 -21.07 -2.89 16.31
C ILE E 100 -19.89 -3.37 17.16
N TYR E 101 -18.95 -4.05 16.51
CA TYR E 101 -17.82 -4.67 17.20
C TYR E 101 -16.51 -4.19 16.59
N TYR E 102 -15.81 -3.31 17.32
CA TYR E 102 -14.40 -3.01 17.08
C TYR E 102 -13.75 -2.89 18.45
N TYR E 103 -12.54 -2.32 18.48
CA TYR E 103 -11.74 -2.36 19.71
C TYR E 103 -12.46 -1.68 20.87
N GLY E 104 -12.98 -0.48 20.64
CA GLY E 104 -13.59 0.27 21.72
C GLY E 104 -15.08 0.47 21.57
N SER E 105 -15.73 -0.37 20.77
CA SER E 105 -17.15 -0.21 20.51
C SER E 105 -17.97 -0.59 21.74
N SER E 106 -19.24 -0.19 21.72
CA SER E 106 -20.20 -0.48 22.78
C SER E 106 -21.38 -1.23 22.18
N PRO E 107 -21.37 -2.57 22.22
CA PRO E 107 -22.47 -3.33 21.63
C PRO E 107 -23.76 -3.15 22.41
N PHE E 108 -24.87 -3.43 21.71
CA PHE E 108 -26.21 -3.38 22.30
C PHE E 108 -26.57 -1.97 22.77
N ASP E 109 -25.99 -0.97 22.13
CA ASP E 109 -26.15 0.41 22.57
C ASP E 109 -27.58 0.91 22.38
N PHE E 110 -28.20 0.61 21.23
CA PHE E 110 -29.53 1.07 20.93
C PHE E 110 -30.47 -0.11 20.71
N TRP E 111 -31.66 -0.02 21.29
CA TRP E 111 -32.68 -1.06 21.19
C TRP E 111 -33.90 -0.52 20.46
N GLY E 112 -34.55 -1.38 19.70
CA GLY E 112 -35.79 -1.00 19.05
C GLY E 112 -36.95 -0.92 20.02
N GLN E 113 -38.06 -0.36 19.52
CA GLN E 113 -39.25 -0.22 20.37
C GLN E 113 -39.87 -1.57 20.68
N GLY E 114 -39.87 -2.48 19.73
CA GLY E 114 -40.38 -3.82 19.97
C GLY E 114 -41.87 -3.93 19.73
N THR E 115 -42.28 -5.10 19.25
CA THR E 115 -43.67 -5.40 18.94
C THR E 115 -44.07 -6.74 19.55
N THR E 116 -45.35 -6.90 19.82
CA THR E 116 -45.89 -8.08 20.48
C THR E 116 -46.60 -8.96 19.47
N LEU E 117 -46.46 -10.28 19.64
CA LEU E 117 -47.23 -11.24 18.88
C LEU E 117 -47.68 -12.35 19.81
N THR E 118 -48.94 -12.76 19.67
CA THR E 118 -49.52 -13.80 20.50
C THR E 118 -50.00 -14.95 19.62
N VAL E 119 -50.03 -16.14 20.20
CA VAL E 119 -50.41 -17.35 19.47
C VAL E 119 -51.66 -18.01 20.01
N SER E 120 -52.16 -17.59 21.17
CA SER E 120 -53.35 -18.18 21.79
C SER E 120 -53.21 -19.68 21.99
N SER E 136 -22.03 -26.62 27.55
CA SER E 136 -23.38 -26.08 27.67
C SER E 136 -23.37 -24.57 27.71
N ASP E 137 -24.53 -23.99 28.02
CA ASP E 137 -24.68 -22.54 28.08
C ASP E 137 -24.33 -22.02 29.46
N ILE E 138 -24.10 -20.71 29.54
CA ILE E 138 -23.78 -20.03 30.79
C ILE E 138 -25.08 -19.51 31.38
N VAL E 139 -25.32 -19.84 32.66
CA VAL E 139 -26.52 -19.41 33.37
C VAL E 139 -26.13 -18.27 34.30
N MET E 140 -26.93 -17.21 34.27
CA MET E 140 -26.70 -16.03 35.11
C MET E 140 -27.77 -16.01 36.19
N THR E 141 -27.34 -16.01 37.45
CA THR E 141 -28.28 -16.27 38.55
C THR E 141 -29.08 -15.02 38.90
N GLN E 142 -28.40 -13.97 39.38
CA GLN E 142 -29.06 -12.76 39.87
C GLN E 142 -30.15 -13.12 40.88
N ALA E 143 -29.70 -13.67 42.01
CA ALA E 143 -30.62 -14.28 42.97
C ALA E 143 -31.63 -13.27 43.49
N THR E 144 -31.20 -12.06 43.80
CA THR E 144 -32.12 -11.04 44.31
C THR E 144 -33.16 -10.68 43.25
N SER E 145 -34.37 -10.39 43.69
CA SER E 145 -35.47 -10.07 42.78
C SER E 145 -36.27 -8.84 43.16
N SER E 146 -36.12 -8.31 44.37
CA SER E 146 -36.85 -7.11 44.79
C SER E 146 -36.07 -6.42 45.89
N VAL E 147 -36.08 -5.09 45.85
CA VAL E 147 -35.37 -4.26 46.84
C VAL E 147 -36.26 -3.09 47.22
N PRO E 148 -36.00 -2.49 48.38
CA PRO E 148 -36.78 -1.30 48.78
C PRO E 148 -36.64 -0.18 47.75
N VAL E 149 -37.73 0.56 47.57
CA VAL E 149 -37.85 1.55 46.51
C VAL E 149 -37.55 2.97 47.00
N THR E 150 -37.04 3.12 48.22
CA THR E 150 -36.80 4.44 48.77
C THR E 150 -35.76 5.19 47.93
N PRO E 151 -35.93 6.49 47.72
CA PRO E 151 -34.96 7.25 46.93
C PRO E 151 -33.89 7.90 47.79
N GLY E 152 -32.81 8.30 47.12
CA GLY E 152 -31.70 8.95 47.78
C GLY E 152 -30.71 8.02 48.45
N GLU E 153 -30.93 6.71 48.39
CA GLU E 153 -30.04 5.75 49.01
C GLU E 153 -29.04 5.25 47.98
N SER E 154 -28.20 4.30 48.37
CA SER E 154 -27.17 3.72 47.51
C SER E 154 -27.42 2.22 47.42
N VAL E 155 -28.19 1.81 46.41
CA VAL E 155 -28.53 0.40 46.21
C VAL E 155 -27.44 -0.25 45.36
N SER E 156 -27.20 -1.53 45.61
CA SER E 156 -26.26 -2.33 44.84
C SER E 156 -26.96 -3.58 44.33
N ILE E 157 -26.79 -3.87 43.05
CA ILE E 157 -27.41 -5.02 42.40
C ILE E 157 -26.33 -6.03 42.08
N SER E 158 -26.46 -7.25 42.61
CA SER E 158 -25.44 -8.27 42.49
C SER E 158 -25.78 -9.26 41.39
N CYS E 159 -24.76 -9.98 40.94
CA CYS E 159 -24.93 -11.01 39.91
C CYS E 159 -23.80 -12.01 40.04
N ARG E 160 -24.07 -13.23 39.60
CA ARG E 160 -23.08 -14.30 39.62
C ARG E 160 -23.18 -15.04 38.29
N SER E 161 -22.09 -15.70 37.91
CA SER E 161 -22.04 -16.41 36.65
C SER E 161 -21.60 -17.85 36.87
N SER E 162 -22.05 -18.73 35.98
CA SER E 162 -21.67 -20.14 36.07
C SER E 162 -20.17 -20.33 35.88
N LYS E 163 -19.58 -19.62 34.93
CA LYS E 163 -18.15 -19.66 34.68
C LYS E 163 -17.61 -18.25 34.58
N SER E 164 -16.32 -18.10 34.87
CA SER E 164 -15.71 -16.77 34.88
C SER E 164 -15.73 -16.15 33.49
N LEU E 165 -16.07 -14.86 33.43
CA LEU E 165 -16.19 -14.14 32.17
C LEU E 165 -14.92 -13.35 31.84
N LEU E 166 -13.86 -13.51 32.61
CA LEU E 166 -12.59 -12.83 32.35
C LEU E 166 -11.84 -13.63 31.29
N HIS E 167 -11.80 -13.09 30.08
CA HIS E 167 -11.13 -13.76 28.97
C HIS E 167 -9.64 -13.45 29.00
N SER E 168 -8.89 -14.14 28.14
CA SER E 168 -7.44 -13.96 28.09
C SER E 168 -7.02 -12.55 27.71
N ASN E 169 -7.78 -11.86 26.85
CA ASN E 169 -7.43 -10.49 26.49
C ASN E 169 -7.73 -9.50 27.62
N GLY E 170 -8.37 -9.92 28.69
CA GLY E 170 -8.36 -9.17 29.93
C GLY E 170 -9.58 -8.35 30.29
N ASN E 171 -10.65 -8.41 29.48
CA ASN E 171 -11.87 -7.69 29.79
C ASN E 171 -13.03 -8.68 29.92
N THR E 172 -13.83 -8.52 30.97
CA THR E 172 -14.96 -9.40 31.22
C THR E 172 -16.17 -8.89 30.44
N TYR E 173 -16.78 -9.78 29.66
CA TYR E 173 -17.88 -9.43 28.77
C TYR E 173 -19.20 -9.57 29.52
N LEU E 174 -19.44 -8.62 30.42
CA LEU E 174 -20.69 -8.54 31.17
C LEU E 174 -21.34 -7.19 30.90
N TYR E 175 -22.60 -7.22 30.49
CA TYR E 175 -23.32 -6.01 30.12
C TYR E 175 -24.51 -5.81 31.05
N TRP E 176 -24.73 -4.57 31.47
CA TRP E 176 -25.84 -4.22 32.36
C TRP E 176 -26.85 -3.39 31.57
N PHE E 177 -28.12 -3.82 31.62
CA PHE E 177 -29.20 -3.13 30.95
C PHE E 177 -30.25 -2.70 31.97
N LEU E 178 -30.98 -1.64 31.63
CA LEU E 178 -32.05 -1.13 32.47
C LEU E 178 -33.29 -0.95 31.61
N GLN E 179 -34.37 -1.64 31.98
CA GLN E 179 -35.66 -1.51 31.30
C GLN E 179 -36.58 -0.73 32.22
N ARG E 180 -36.78 0.55 31.91
CA ARG E 180 -37.76 1.34 32.62
C ARG E 180 -39.16 0.81 32.32
N PRO E 181 -40.07 0.88 33.28
CA PRO E 181 -41.39 0.26 33.07
C PRO E 181 -42.22 1.00 32.04
N GLY E 182 -42.34 0.42 30.85
CA GLY E 182 -43.11 0.99 29.75
C GLY E 182 -42.33 1.19 28.48
N GLN E 183 -41.00 1.08 28.51
CA GLN E 183 -40.18 1.35 27.34
C GLN E 183 -39.15 0.24 27.15
N SER E 184 -38.35 0.36 26.10
CA SER E 184 -37.36 -0.64 25.76
C SER E 184 -36.16 -0.55 26.70
N PRO E 185 -35.40 -1.64 26.82
CA PRO E 185 -34.20 -1.61 27.67
C PRO E 185 -33.15 -0.64 27.14
N GLN E 186 -32.34 -0.13 28.05
CA GLN E 186 -31.27 0.81 27.72
C GLN E 186 -29.97 0.34 28.35
N LEU E 187 -28.90 0.34 27.56
CA LEU E 187 -27.61 -0.12 28.06
C LEU E 187 -27.02 0.90 29.03
N LEU E 188 -26.60 0.42 30.20
CA LEU E 188 -25.94 1.26 31.20
C LEU E 188 -24.43 1.08 31.18
N ILE E 189 -23.97 -0.15 31.38
CA ILE E 189 -22.54 -0.46 31.50
C ILE E 189 -22.23 -1.60 30.55
N TYR E 190 -21.31 -1.37 29.62
CA TYR E 190 -20.83 -2.42 28.73
C TYR E 190 -19.47 -2.89 29.22
N ARG E 191 -19.26 -4.22 29.18
CA ARG E 191 -18.12 -4.87 29.83
C ARG E 191 -18.12 -4.57 31.33
N MET E 192 -17.01 -4.87 32.01
CA MET E 192 -17.02 -4.91 33.46
C MET E 192 -17.39 -3.56 34.06
N SER E 193 -16.78 -2.48 33.58
CA SER E 193 -16.94 -1.18 34.20
C SER E 193 -17.16 -0.03 33.23
N ASN E 194 -16.95 -0.22 31.92
CA ASN E 194 -17.12 0.87 30.97
C ASN E 194 -18.58 1.32 30.93
N LEU E 195 -18.79 2.63 30.99
CA LEU E 195 -20.12 3.22 31.09
C LEU E 195 -20.59 3.68 29.71
N ALA E 196 -21.86 3.41 29.40
CA ALA E 196 -22.39 3.75 28.10
C ALA E 196 -22.55 5.26 27.94
N SER E 197 -22.66 5.69 26.68
CA SER E 197 -22.81 7.11 26.39
C SER E 197 -24.20 7.60 26.78
N GLY E 198 -24.24 8.77 27.41
CA GLY E 198 -25.49 9.36 27.84
C GLY E 198 -25.98 8.92 29.21
N VAL E 199 -25.29 7.97 29.84
CA VAL E 199 -25.67 7.49 31.17
C VAL E 199 -24.94 8.32 32.21
N PRO E 200 -25.65 8.86 33.21
CA PRO E 200 -24.97 9.65 34.24
C PRO E 200 -24.02 8.81 35.06
N ASP E 201 -23.05 9.48 35.66
CA ASP E 201 -21.97 8.85 36.43
C ASP E 201 -22.44 8.19 37.73
N ARG E 202 -23.74 8.18 38.04
CA ARG E 202 -24.21 7.55 39.27
C ARG E 202 -24.03 6.03 39.25
N PHE E 203 -23.89 5.43 38.06
CA PHE E 203 -23.79 3.98 37.94
C PHE E 203 -22.34 3.56 37.88
N SER E 204 -22.00 2.49 38.61
CA SER E 204 -20.64 1.96 38.65
C SER E 204 -20.71 0.45 38.52
N GLY E 205 -19.61 -0.13 38.03
CA GLY E 205 -19.55 -1.56 37.84
C GLY E 205 -18.25 -2.19 38.33
N SER E 206 -18.37 -3.14 39.23
CA SER E 206 -17.23 -3.86 39.78
C SER E 206 -17.50 -5.36 39.73
N GLY E 207 -16.48 -6.12 39.33
CA GLY E 207 -16.64 -7.56 39.21
C GLY E 207 -15.33 -8.27 39.45
N SER E 208 -15.44 -9.58 39.73
CA SER E 208 -14.27 -10.41 40.00
C SER E 208 -14.16 -11.56 38.99
N GLY E 209 -14.72 -11.39 37.80
CA GLY E 209 -14.65 -12.43 36.79
C GLY E 209 -15.87 -13.34 36.78
N THR E 210 -16.33 -13.72 37.97
CA THR E 210 -17.50 -14.58 38.12
C THR E 210 -18.65 -13.88 38.82
N ALA E 211 -18.38 -13.08 39.85
CA ALA E 211 -19.39 -12.33 40.57
C ALA E 211 -19.25 -10.85 40.23
N PHE E 212 -20.37 -10.19 39.95
CA PHE E 212 -20.37 -8.79 39.56
C PHE E 212 -21.45 -8.04 40.34
N THR E 213 -21.20 -6.75 40.55
CA THR E 213 -22.15 -5.87 41.21
C THR E 213 -22.32 -4.59 40.41
N LEU E 214 -23.53 -4.04 40.43
CA LEU E 214 -23.81 -2.72 39.86
C LEU E 214 -24.23 -1.79 40.98
N THR E 215 -23.55 -0.65 41.08
CA THR E 215 -23.76 0.28 42.17
C THR E 215 -24.38 1.57 41.67
N ILE E 216 -25.42 2.03 42.36
CA ILE E 216 -26.07 3.31 42.08
C ILE E 216 -25.85 4.21 43.28
N SER E 217 -25.24 5.37 43.06
CA SER E 217 -24.90 6.26 44.16
C SER E 217 -26.15 6.89 44.77
N ARG E 218 -26.88 7.65 43.97
CA ARG E 218 -28.12 8.29 44.42
C ARG E 218 -29.25 7.90 43.47
N LEU E 219 -30.37 7.46 44.04
CA LEU E 219 -31.52 7.02 43.25
C LEU E 219 -32.41 8.21 42.93
N GLU E 220 -32.76 8.35 41.66
CA GLU E 220 -33.71 9.35 41.19
C GLU E 220 -35.05 8.68 40.92
N ALA E 221 -36.01 9.49 40.44
CA ALA E 221 -37.32 8.97 40.13
C ALA E 221 -37.33 8.14 38.85
N GLU E 222 -36.35 8.33 37.97
CA GLU E 222 -36.27 7.59 36.71
C GLU E 222 -35.35 6.39 36.78
N ASP E 223 -34.75 6.10 37.93
CA ASP E 223 -33.86 4.96 38.08
C ASP E 223 -34.60 3.68 38.45
N VAL E 224 -35.88 3.76 38.75
CA VAL E 224 -36.66 2.58 39.11
C VAL E 224 -36.94 1.76 37.85
N GLY E 225 -36.96 0.45 38.01
CA GLY E 225 -37.19 -0.48 36.92
C GLY E 225 -36.51 -1.80 37.19
N VAL E 226 -36.44 -2.63 36.15
CA VAL E 226 -35.82 -3.94 36.22
C VAL E 226 -34.46 -3.86 35.54
N TYR E 227 -33.44 -4.46 36.17
CA TYR E 227 -32.07 -4.40 35.70
C TYR E 227 -31.65 -5.80 35.26
N TYR E 228 -31.24 -5.93 34.00
CA TYR E 228 -30.79 -7.20 33.44
C TYR E 228 -29.29 -7.23 33.27
N CYS E 229 -28.71 -8.41 33.39
CA CYS E 229 -27.29 -8.64 33.18
C CYS E 229 -27.11 -9.71 32.10
N MET E 230 -26.21 -9.45 31.17
CA MET E 230 -26.00 -10.33 30.02
C MET E 230 -24.52 -10.62 29.86
N GLN E 231 -24.20 -11.85 29.46
CA GLN E 231 -22.83 -12.26 29.18
C GLN E 231 -22.57 -12.21 27.67
N HIS E 232 -21.29 -12.12 27.31
CA HIS E 232 -20.91 -12.06 25.91
C HIS E 232 -19.66 -12.88 25.62
N LEU E 233 -19.34 -13.87 26.47
CA LEU E 233 -18.20 -14.73 26.21
C LEU E 233 -18.45 -15.66 25.04
N GLU E 234 -19.43 -16.56 25.18
CA GLU E 234 -19.79 -17.51 24.15
C GLU E 234 -21.17 -17.14 23.61
N TYR E 235 -21.36 -17.33 22.31
CA TYR E 235 -22.44 -16.63 21.64
C TYR E 235 -23.85 -17.07 22.04
N PRO E 236 -24.09 -18.30 22.50
CA PRO E 236 -25.39 -18.59 23.10
C PRO E 236 -25.55 -17.81 24.41
N LEU E 237 -25.67 -16.50 24.29
CA LEU E 237 -25.60 -15.59 25.42
C LEU E 237 -26.96 -15.45 26.09
N THR E 238 -26.93 -15.32 27.42
CA THR E 238 -28.14 -15.37 28.24
C THR E 238 -28.19 -14.16 29.16
N PHE E 239 -29.40 -13.84 29.60
CA PHE E 239 -29.64 -12.72 30.49
C PHE E 239 -29.82 -13.24 31.93
N GLY E 240 -30.21 -12.35 32.84
CA GLY E 240 -30.23 -12.70 34.25
C GLY E 240 -31.56 -12.52 34.96
N ALA E 241 -32.66 -12.52 34.19
CA ALA E 241 -34.03 -12.52 34.69
C ALA E 241 -34.43 -11.23 35.40
N GLY E 242 -33.52 -10.28 35.57
CA GLY E 242 -33.88 -8.97 36.09
C GLY E 242 -33.94 -8.91 37.60
N THR E 243 -33.75 -7.68 38.11
CA THR E 243 -33.86 -7.37 39.55
C THR E 243 -34.66 -6.08 39.67
N LYS E 244 -35.97 -6.20 39.80
CA LYS E 244 -36.84 -5.03 39.86
C LYS E 244 -36.56 -4.23 41.13
N LEU E 245 -36.74 -2.92 41.03
CA LEU E 245 -36.55 -2.03 42.17
C LEU E 245 -37.87 -1.74 42.87
#